data_8RGJ
#
_entry.id   8RGJ
#
_cell.length_a   135.85
_cell.length_b   135.85
_cell.length_c   78.634
_cell.angle_alpha   90
_cell.angle_beta   90
_cell.angle_gamma   90
#
_symmetry.space_group_name_H-M   'P 4 21 2'
#
loop_
_entity.id
_entity.type
_entity.pdbx_description
1 polymer 'Adenosine kinase'
2 polymer 'Adenosine kinase'
3 non-polymer 'PHOSPHOMETHYLPHOSPHONIC ACID ADENYLATE ESTER'
4 non-polymer 'ACETATE ION'
5 non-polymer GLYCEROL
6 water water
#
loop_
_entity_poly.entity_id
_entity_poly.type
_entity_poly.pdbx_seq_one_letter_code
_entity_poly.pdbx_strand_id
1 'polypeptide(L)'
;MGSSHHHHHHSQDPNSSSMAASEGVLLGMGNPLLDISAVVDDAFLTKYDIKLNNAILAEEKHLPMYDELASKSNVEYIAG
GATQNSIRVAQWMLQTPGATSYMGCIGKDKFGEEMKKNAQAAGVTAHYYEDETAPTGTCAVCVVGGERSLIANLSAANCY
KSEHLKRPENWALVEKAKYIYIAGFFLTVSPDSIQLVAEHAAANNKVFLMNLSAPFICEFFRDAQEKVLPYADYIFGNET
EAKIFAKVRGWETENIEEIALKISQLPLASGKQKRIAVITQGADPVVVAEDGKVKTFPVILLPKEKLVDTNGAGDAFVGG
FLSQLVLGKGIEDCVRAGCYAANVIIQRPGCTYPEKPDFN
;
A
2 'polypeptide(L)'
;MGSSHHHHHHSQDPNSSSMAASEGVLLGMGNPLLDISAVVDDAFLTKYDIKLNNAILAEEKHLPMYDELASKSNVEYIAG
GATQNSIRVAQWMLQTPGATSYMGCIGKDKFGEEMKKNAQAAGVTAHYYEDETAPTGTCAVCVVGGERSLIANLSAANCY
KSEHLKRPENWALVEKAKYIYIAGFFLTVSPDSIQLVAEHAAANNKVFLMNLSAPFI(CSO)EFFRDAQEKVLPYADYIF
GNETEAKIFAKVRGWETENIEEIALKISQLPLASGKQKRIAVITQGADPVVVAEDGKVKTFPVILLPKEKLVDTNGAGDA
FVGGFLSQLVLGKGIEDCVRAGCYAANVIIQRPGCTYPEKPDFN
;
B
#
# COMPACT_ATOMS: atom_id res chain seq x y z
N ALA A 21 -24.78 18.05 -18.94
CA ALA A 21 -24.77 16.82 -18.15
C ALA A 21 -25.32 15.64 -18.94
N SER A 22 -24.52 15.16 -19.91
CA SER A 22 -24.88 14.03 -20.79
C SER A 22 -24.76 12.66 -20.09
N GLU A 23 -25.32 11.59 -20.71
CA GLU A 23 -25.28 10.24 -20.15
C GLU A 23 -23.85 9.73 -19.95
N GLY A 24 -23.52 9.37 -18.72
CA GLY A 24 -22.20 8.86 -18.37
C GLY A 24 -21.08 9.85 -18.58
N VAL A 25 -21.37 11.16 -18.47
CA VAL A 25 -20.38 12.22 -18.68
C VAL A 25 -19.23 12.16 -17.66
N LEU A 26 -19.48 11.63 -16.45
CA LEU A 26 -18.44 11.50 -15.42
C LEU A 26 -18.34 10.03 -15.03
N LEU A 27 -17.11 9.48 -15.01
CA LEU A 27 -16.85 8.10 -14.64
C LEU A 27 -15.82 8.05 -13.51
N GLY A 28 -15.97 7.05 -12.63
CA GLY A 28 -15.03 6.78 -11.56
C GLY A 28 -14.62 5.33 -11.55
N MET A 29 -13.40 5.06 -11.08
CA MET A 29 -12.87 3.70 -10.96
C MET A 29 -12.14 3.62 -9.63
N GLY A 30 -12.39 2.58 -8.85
CA GLY A 30 -11.72 2.44 -7.57
C GLY A 30 -11.90 1.15 -6.82
N ASN A 31 -11.84 1.27 -5.49
CA ASN A 31 -11.96 0.18 -4.52
C ASN A 31 -13.31 0.32 -3.81
N PRO A 32 -14.41 -0.27 -4.33
CA PRO A 32 -15.71 -0.10 -3.67
C PRO A 32 -15.85 -0.91 -2.38
N LEU A 33 -16.25 -0.25 -1.28
CA LEU A 33 -16.46 -0.87 0.04
C LEU A 33 -17.88 -0.57 0.48
N LEU A 34 -18.70 -1.59 0.78
CA LEU A 34 -20.05 -1.35 1.26
C LEU A 34 -19.94 -0.84 2.70
N ASP A 35 -20.23 0.44 2.91
CA ASP A 35 -20.18 1.04 4.24
C ASP A 35 -21.44 0.68 5.00
N ILE A 36 -21.28 -0.08 6.09
CA ILE A 36 -22.39 -0.52 6.93
C ILE A 36 -22.39 0.41 8.15
N SER A 37 -23.07 1.56 8.03
CA SER A 37 -23.10 2.58 9.07
C SER A 37 -24.25 2.38 10.04
N ALA A 38 -24.00 2.64 11.33
CA ALA A 38 -25.02 2.52 12.38
C ALA A 38 -24.58 3.29 13.62
N VAL A 39 -25.55 3.87 14.34
CA VAL A 39 -25.24 4.58 15.58
C VAL A 39 -25.05 3.50 16.65
N VAL A 40 -23.90 3.51 17.36
CA VAL A 40 -23.57 2.50 18.37
C VAL A 40 -23.47 3.11 19.79
N ASP A 41 -23.34 2.25 20.83
CA ASP A 41 -23.22 2.66 22.23
C ASP A 41 -21.86 2.18 22.83
N ASP A 42 -21.58 2.54 24.10
CA ASP A 42 -20.34 2.15 24.79
C ASP A 42 -20.13 0.63 24.81
N ALA A 43 -21.20 -0.14 25.09
CA ALA A 43 -21.13 -1.61 25.15
C ALA A 43 -20.63 -2.20 23.83
N PHE A 44 -21.09 -1.68 22.70
CA PHE A 44 -20.67 -2.18 21.39
C PHE A 44 -19.18 -1.87 21.15
N LEU A 45 -18.73 -0.65 21.47
CA LEU A 45 -17.33 -0.25 21.25
C LEU A 45 -16.39 -1.05 22.17
N THR A 46 -16.82 -1.30 23.42
CA THR A 46 -16.04 -2.10 24.37
C THR A 46 -15.98 -3.57 23.93
N LYS A 47 -17.13 -4.13 23.46
CA LYS A 47 -17.23 -5.52 23.01
C LYS A 47 -16.20 -5.88 21.94
N TYR A 48 -16.08 -5.06 20.88
CA TYR A 48 -15.15 -5.29 19.79
C TYR A 48 -13.81 -4.54 19.94
N ASP A 49 -13.55 -3.88 21.10
CA ASP A 49 -12.34 -3.12 21.39
C ASP A 49 -11.97 -2.17 20.24
N ILE A 50 -12.86 -1.20 19.97
CA ILE A 50 -12.69 -0.23 18.88
C ILE A 50 -12.85 1.18 19.45
N LYS A 51 -11.95 2.09 19.07
CA LYS A 51 -11.95 3.46 19.58
C LYS A 51 -12.50 4.44 18.55
N LEU A 52 -13.10 5.54 19.04
CA LEU A 52 -13.64 6.59 18.17
C LEU A 52 -12.52 7.45 17.58
N ASN A 53 -12.83 8.13 16.46
CA ASN A 53 -11.93 8.96 15.67
C ASN A 53 -10.70 8.14 15.26
N ASN A 54 -10.94 6.89 14.82
CA ASN A 54 -9.90 5.93 14.42
C ASN A 54 -10.43 5.05 13.29
N ALA A 55 -9.54 4.63 12.39
CA ALA A 55 -9.86 3.76 11.27
C ALA A 55 -8.84 2.63 11.26
N ILE A 56 -9.29 1.38 11.45
CA ILE A 56 -8.40 0.22 11.51
C ILE A 56 -8.72 -0.81 10.43
N LEU A 57 -7.71 -1.64 10.09
CA LEU A 57 -7.92 -2.72 9.12
C LEU A 57 -8.62 -3.85 9.86
N ALA A 58 -9.64 -4.45 9.24
CA ALA A 58 -10.45 -5.49 9.87
C ALA A 58 -9.69 -6.76 10.20
N GLU A 59 -9.92 -7.30 11.40
CA GLU A 59 -9.31 -8.52 11.90
C GLU A 59 -10.36 -9.65 12.05
N GLU A 60 -9.92 -10.88 12.41
CA GLU A 60 -10.81 -12.03 12.59
C GLU A 60 -11.88 -11.75 13.64
N LYS A 61 -11.51 -11.08 14.75
CA LYS A 61 -12.46 -10.72 15.81
C LYS A 61 -13.52 -9.70 15.33
N HIS A 62 -13.18 -8.85 14.34
CA HIS A 62 -14.11 -7.86 13.79
C HIS A 62 -14.97 -8.40 12.63
N LEU A 63 -14.77 -9.66 12.19
CA LEU A 63 -15.57 -10.21 11.09
C LEU A 63 -17.03 -10.53 11.53
N PRO A 64 -17.32 -11.10 12.73
CA PRO A 64 -18.73 -11.31 13.13
C PRO A 64 -19.49 -10.01 13.47
N MET A 65 -18.77 -8.85 13.52
CA MET A 65 -19.34 -7.54 13.81
C MET A 65 -20.35 -7.09 12.75
N TYR A 66 -20.11 -7.43 11.49
CA TYR A 66 -21.02 -7.05 10.41
C TYR A 66 -22.41 -7.70 10.56
N ASP A 67 -22.55 -8.81 11.33
CA ASP A 67 -23.85 -9.44 11.57
C ASP A 67 -24.61 -8.72 12.69
N GLU A 68 -23.91 -8.25 13.74
CA GLU A 68 -24.55 -7.51 14.83
C GLU A 68 -25.06 -6.16 14.30
N LEU A 69 -24.31 -5.51 13.40
CA LEU A 69 -24.73 -4.24 12.79
C LEU A 69 -25.95 -4.45 11.88
N ALA A 70 -25.99 -5.57 11.15
CA ALA A 70 -27.12 -5.92 10.29
C ALA A 70 -28.39 -6.18 11.10
N SER A 71 -28.26 -6.87 12.25
CA SER A 71 -29.38 -7.16 13.15
C SER A 71 -30.05 -5.88 13.65
N LYS A 72 -29.31 -4.75 13.68
CA LYS A 72 -29.87 -3.46 14.07
C LYS A 72 -30.76 -3.00 12.93
N SER A 73 -31.99 -2.59 13.24
CA SER A 73 -32.93 -2.11 12.22
C SER A 73 -32.51 -0.74 11.68
N ASN A 74 -31.88 0.12 12.52
CA ASN A 74 -31.41 1.45 12.13
C ASN A 74 -30.12 1.48 11.26
N VAL A 75 -29.71 0.33 10.71
CA VAL A 75 -28.50 0.26 9.89
C VAL A 75 -28.70 0.92 8.51
N GLU A 76 -27.65 1.57 8.00
CA GLU A 76 -27.64 2.25 6.70
C GLU A 76 -26.56 1.60 5.83
N TYR A 77 -26.93 1.09 4.65
CA TYR A 77 -26.00 0.46 3.71
C TYR A 77 -25.72 1.47 2.62
N ILE A 78 -24.43 1.75 2.34
CA ILE A 78 -24.02 2.74 1.34
C ILE A 78 -22.93 2.15 0.44
N ALA A 79 -23.02 2.38 -0.87
CA ALA A 79 -21.99 1.94 -1.81
C ALA A 79 -20.83 2.92 -1.63
N GLY A 80 -19.93 2.57 -0.72
CA GLY A 80 -18.81 3.42 -0.33
C GLY A 80 -17.55 3.24 -1.14
N GLY A 81 -16.44 3.60 -0.54
CA GLY A 81 -15.13 3.62 -1.18
C GLY A 81 -14.87 5.06 -1.58
N ALA A 82 -13.66 5.56 -1.32
CA ALA A 82 -13.31 6.96 -1.60
C ALA A 82 -13.81 7.51 -2.97
N THR A 83 -13.49 6.84 -4.09
CA THR A 83 -13.91 7.31 -5.42
C THR A 83 -15.42 7.20 -5.61
N GLN A 84 -16.02 6.05 -5.24
CA GLN A 84 -17.46 5.86 -5.39
C GLN A 84 -18.25 6.90 -4.59
N ASN A 85 -17.77 7.29 -3.40
CA ASN A 85 -18.40 8.36 -2.60
C ASN A 85 -18.41 9.67 -3.39
N SER A 86 -17.26 10.04 -4.01
CA SER A 86 -17.15 11.24 -4.84
C SER A 86 -18.13 11.19 -6.02
N ILE A 87 -18.33 10.01 -6.63
CA ILE A 87 -19.23 9.84 -7.76
C ILE A 87 -20.70 9.98 -7.32
N ARG A 88 -21.07 9.37 -6.18
CA ARG A 88 -22.42 9.49 -5.65
C ARG A 88 -22.75 10.93 -5.27
N VAL A 89 -21.78 11.64 -4.67
CA VAL A 89 -21.96 13.04 -4.27
C VAL A 89 -22.09 13.92 -5.52
N ALA A 90 -21.34 13.61 -6.60
CA ALA A 90 -21.45 14.34 -7.86
C ALA A 90 -22.81 14.11 -8.50
N GLN A 91 -23.31 12.86 -8.48
CA GLN A 91 -24.62 12.53 -9.03
C GLN A 91 -25.71 13.25 -8.23
N TRP A 92 -25.62 13.24 -6.90
CA TRP A 92 -26.57 13.94 -6.04
C TRP A 92 -26.56 15.44 -6.33
N MET A 93 -25.37 16.01 -6.48
CA MET A 93 -25.22 17.44 -6.75
C MET A 93 -25.75 17.83 -8.14
N LEU A 94 -25.51 16.98 -9.16
CA LEU A 94 -25.98 17.25 -10.53
C LEU A 94 -27.49 17.05 -10.67
N GLN A 95 -28.04 15.97 -10.08
CA GLN A 95 -29.47 15.61 -10.15
C GLN A 95 -29.93 15.10 -11.54
N THR A 96 -29.13 15.28 -12.61
CA THR A 96 -29.53 14.81 -13.93
C THR A 96 -29.45 13.27 -13.95
N PRO A 97 -30.55 12.50 -14.16
CA PRO A 97 -30.41 11.03 -14.15
C PRO A 97 -29.49 10.48 -15.24
N GLY A 98 -28.71 9.48 -14.88
CA GLY A 98 -27.78 8.82 -15.80
C GLY A 98 -26.52 9.58 -16.13
N ALA A 99 -26.20 10.67 -15.41
CA ALA A 99 -25.00 11.46 -15.70
C ALA A 99 -23.70 10.83 -15.23
N THR A 100 -23.73 9.97 -14.19
CA THR A 100 -22.51 9.37 -13.64
C THR A 100 -22.41 7.85 -13.88
N SER A 101 -21.15 7.34 -13.89
CA SER A 101 -20.82 5.92 -14.05
C SER A 101 -19.69 5.55 -13.07
N TYR A 102 -19.58 4.24 -12.77
CA TYR A 102 -18.53 3.74 -11.87
C TYR A 102 -18.21 2.28 -12.17
N MET A 103 -16.92 1.91 -12.08
CA MET A 103 -16.45 0.55 -12.28
C MET A 103 -15.51 0.19 -11.12
N GLY A 104 -15.70 -0.99 -10.54
CA GLY A 104 -14.90 -1.47 -9.43
C GLY A 104 -15.16 -2.93 -9.14
N CYS A 105 -14.29 -3.57 -8.34
CA CYS A 105 -14.44 -5.00 -8.03
C CYS A 105 -15.23 -5.29 -6.75
N ILE A 106 -16.20 -6.22 -6.86
CA ILE A 106 -17.02 -6.72 -5.74
C ILE A 106 -17.02 -8.27 -5.76
N GLY A 107 -17.55 -8.89 -4.70
CA GLY A 107 -17.68 -10.33 -4.62
C GLY A 107 -19.08 -10.80 -4.95
N LYS A 108 -19.25 -12.11 -5.11
CA LYS A 108 -20.55 -12.71 -5.41
C LYS A 108 -21.21 -13.15 -4.10
N ASP A 109 -21.72 -12.16 -3.33
CA ASP A 109 -22.34 -12.42 -2.03
C ASP A 109 -23.47 -11.40 -1.69
N LYS A 110 -24.07 -11.48 -0.47
CA LYS A 110 -25.16 -10.59 -0.09
C LYS A 110 -24.73 -9.12 -0.07
N PHE A 111 -23.49 -8.83 0.40
CA PHE A 111 -23.00 -7.45 0.45
C PHE A 111 -22.77 -6.87 -0.96
N GLY A 112 -22.47 -7.73 -1.94
CA GLY A 112 -22.33 -7.32 -3.33
C GLY A 112 -23.66 -6.91 -3.94
N GLU A 113 -24.74 -7.62 -3.57
CA GLU A 113 -26.09 -7.29 -4.03
C GLU A 113 -26.56 -5.99 -3.37
N GLU A 114 -26.21 -5.76 -2.10
CA GLU A 114 -26.54 -4.50 -1.41
C GLU A 114 -25.77 -3.32 -2.02
N MET A 115 -24.55 -3.56 -2.52
CA MET A 115 -23.76 -2.53 -3.19
C MET A 115 -24.45 -2.14 -4.50
N LYS A 116 -24.93 -3.14 -5.27
CA LYS A 116 -25.64 -2.88 -6.53
C LYS A 116 -26.97 -2.17 -6.27
N LYS A 117 -27.68 -2.56 -5.19
CA LYS A 117 -28.95 -1.91 -4.83
C LYS A 117 -28.73 -0.44 -4.47
N ASN A 118 -27.74 -0.13 -3.63
CA ASN A 118 -27.50 1.25 -3.22
C ASN A 118 -26.93 2.13 -4.33
N ALA A 119 -26.06 1.59 -5.21
CA ALA A 119 -25.52 2.38 -6.32
C ALA A 119 -26.66 2.82 -7.26
N GLN A 120 -27.62 1.92 -7.50
CA GLN A 120 -28.78 2.22 -8.34
C GLN A 120 -29.67 3.28 -7.67
N ALA A 121 -29.85 3.20 -6.34
CA ALA A 121 -30.63 4.18 -5.58
C ALA A 121 -29.96 5.55 -5.61
N ALA A 122 -28.62 5.59 -5.50
CA ALA A 122 -27.84 6.82 -5.58
C ALA A 122 -27.80 7.46 -6.98
N GLY A 123 -28.31 6.77 -7.99
CA GLY A 123 -28.34 7.26 -9.37
C GLY A 123 -27.07 7.02 -10.17
N VAL A 124 -26.18 6.12 -9.69
CA VAL A 124 -24.92 5.83 -10.36
C VAL A 124 -25.04 4.57 -11.22
N THR A 125 -24.68 4.65 -12.51
CA THR A 125 -24.68 3.49 -13.41
C THR A 125 -23.38 2.73 -13.12
N ALA A 126 -23.45 1.74 -12.23
CA ALA A 126 -22.28 0.97 -11.81
C ALA A 126 -22.16 -0.36 -12.55
N HIS A 127 -20.99 -0.61 -13.14
CA HIS A 127 -20.67 -1.84 -13.86
C HIS A 127 -19.54 -2.50 -13.08
N TYR A 128 -19.88 -3.34 -12.10
CA TYR A 128 -18.88 -3.97 -11.24
C TYR A 128 -18.29 -5.24 -11.83
N TYR A 129 -17.04 -5.56 -11.42
CA TYR A 129 -16.34 -6.77 -11.80
C TYR A 129 -16.52 -7.74 -10.62
N GLU A 130 -17.21 -8.87 -10.84
CA GLU A 130 -17.46 -9.82 -9.75
C GLU A 130 -16.37 -10.89 -9.66
N ASP A 131 -15.60 -10.87 -8.56
CA ASP A 131 -14.56 -11.86 -8.32
C ASP A 131 -15.21 -13.19 -7.97
N GLU A 132 -14.64 -14.30 -8.45
CA GLU A 132 -15.22 -15.63 -8.25
C GLU A 132 -15.05 -16.20 -6.83
N THR A 133 -14.23 -15.59 -5.94
CA THR A 133 -14.05 -16.13 -4.58
C THR A 133 -13.88 -15.07 -3.46
N ALA A 134 -13.24 -13.92 -3.73
CA ALA A 134 -13.05 -12.90 -2.70
C ALA A 134 -14.39 -12.23 -2.31
N PRO A 135 -14.80 -12.22 -1.03
CA PRO A 135 -16.07 -11.55 -0.68
C PRO A 135 -15.98 -10.03 -0.79
N THR A 136 -17.11 -9.37 -1.07
CA THR A 136 -17.20 -7.92 -1.26
C THR A 136 -16.55 -7.14 -0.12
N GLY A 137 -15.81 -6.09 -0.47
CA GLY A 137 -15.17 -5.21 0.49
C GLY A 137 -16.22 -4.46 1.29
N THR A 138 -16.04 -4.39 2.61
CA THR A 138 -17.00 -3.75 3.51
C THR A 138 -16.28 -2.81 4.49
N CYS A 139 -17.03 -1.89 5.11
CA CYS A 139 -16.48 -0.97 6.09
C CYS A 139 -17.52 -0.62 7.15
N ALA A 140 -17.32 -1.08 8.39
CA ALA A 140 -18.25 -0.76 9.47
C ALA A 140 -17.98 0.69 9.88
N VAL A 141 -19.02 1.54 9.84
CA VAL A 141 -18.92 2.95 10.21
C VAL A 141 -19.74 3.16 11.50
N CYS A 142 -19.13 2.92 12.68
CA CYS A 142 -19.83 3.03 13.97
C CYS A 142 -19.86 4.51 14.39
N VAL A 143 -21.05 5.09 14.63
CA VAL A 143 -21.19 6.52 14.93
C VAL A 143 -21.71 6.80 16.35
N VAL A 144 -21.08 7.79 17.05
CA VAL A 144 -21.53 8.31 18.36
C VAL A 144 -21.35 9.83 18.26
N GLY A 145 -22.46 10.57 18.16
CA GLY A 145 -22.42 12.01 18.00
C GLY A 145 -21.83 12.35 16.64
N GLY A 146 -20.83 13.21 16.63
CA GLY A 146 -20.12 13.57 15.40
C GLY A 146 -18.95 12.63 15.09
N GLU A 147 -18.51 11.83 16.08
CA GLU A 147 -17.35 10.95 15.95
C GLU A 147 -17.68 9.61 15.30
N ARG A 148 -16.68 8.98 14.66
CA ARG A 148 -16.88 7.70 13.97
C ARG A 148 -15.70 6.73 14.18
N SER A 149 -15.93 5.44 13.93
CA SER A 149 -14.90 4.41 14.03
C SER A 149 -15.02 3.53 12.78
N LEU A 150 -13.99 3.53 11.91
CA LEU A 150 -14.01 2.75 10.67
C LEU A 150 -13.22 1.46 10.82
N ILE A 151 -13.77 0.35 10.29
CA ILE A 151 -13.14 -0.98 10.32
C ILE A 151 -13.32 -1.56 8.92
N ALA A 152 -12.35 -1.31 8.03
CA ALA A 152 -12.45 -1.77 6.63
C ALA A 152 -11.82 -3.11 6.37
N ASN A 153 -12.52 -3.93 5.59
CA ASN A 153 -12.04 -5.22 5.11
C ASN A 153 -12.04 -5.02 3.60
N LEU A 154 -10.87 -4.73 3.02
CA LEU A 154 -10.77 -4.41 1.59
C LEU A 154 -11.15 -5.62 0.72
N SER A 155 -10.57 -6.78 1.01
CA SER A 155 -10.87 -8.06 0.36
C SER A 155 -11.07 -7.97 -1.21
N ALA A 156 -12.33 -7.99 -1.77
CA ALA A 156 -12.55 -7.98 -3.21
C ALA A 156 -12.22 -6.67 -3.90
N ALA A 157 -12.25 -5.55 -3.17
CA ALA A 157 -11.95 -4.24 -3.75
C ALA A 157 -10.54 -4.17 -4.36
N ASN A 158 -9.59 -5.00 -3.87
CA ASN A 158 -8.22 -5.03 -4.39
C ASN A 158 -8.03 -6.09 -5.50
N CYS A 159 -9.12 -6.61 -6.13
CA CYS A 159 -9.00 -7.65 -7.15
C CYS A 159 -9.51 -7.24 -8.53
N TYR A 160 -9.53 -5.93 -8.87
CA TYR A 160 -10.00 -5.48 -10.18
C TYR A 160 -8.97 -5.82 -11.25
N LYS A 161 -9.44 -6.35 -12.40
CA LYS A 161 -8.59 -6.73 -13.52
C LYS A 161 -8.95 -5.88 -14.74
N SER A 162 -7.93 -5.51 -15.54
CA SER A 162 -8.12 -4.70 -16.74
C SER A 162 -8.95 -5.42 -17.81
N GLU A 163 -9.06 -6.77 -17.76
CA GLU A 163 -9.89 -7.54 -18.68
C GLU A 163 -11.35 -7.10 -18.61
N HIS A 164 -11.83 -6.68 -17.42
CA HIS A 164 -13.20 -6.19 -17.26
C HIS A 164 -13.36 -4.86 -17.99
N LEU A 165 -12.41 -3.92 -17.78
CA LEU A 165 -12.42 -2.61 -18.42
C LEU A 165 -12.39 -2.74 -19.95
N LYS A 166 -11.56 -3.66 -20.47
CA LYS A 166 -11.40 -3.86 -21.91
C LYS A 166 -12.63 -4.49 -22.58
N ARG A 167 -13.59 -5.05 -21.81
CA ARG A 167 -14.81 -5.61 -22.42
C ARG A 167 -15.62 -4.46 -23.06
N PRO A 168 -16.33 -4.67 -24.19
CA PRO A 168 -17.02 -3.53 -24.82
C PRO A 168 -18.11 -2.85 -23.99
N GLU A 169 -18.93 -3.60 -23.25
CA GLU A 169 -19.99 -2.98 -22.44
C GLU A 169 -19.46 -2.09 -21.29
N ASN A 170 -18.19 -2.28 -20.90
CA ASN A 170 -17.55 -1.50 -19.84
C ASN A 170 -16.65 -0.41 -20.43
N TRP A 171 -15.99 -0.68 -21.56
CA TRP A 171 -15.19 0.33 -22.25
C TRP A 171 -16.08 1.44 -22.84
N ALA A 172 -17.39 1.14 -23.12
CA ALA A 172 -18.36 2.14 -23.58
C ALA A 172 -18.52 3.26 -22.54
N LEU A 173 -18.35 2.95 -21.24
CA LEU A 173 -18.44 3.95 -20.18
C LEU A 173 -17.26 4.93 -20.25
N VAL A 174 -16.08 4.47 -20.71
CA VAL A 174 -14.89 5.31 -20.89
C VAL A 174 -15.14 6.23 -22.10
N GLU A 175 -15.64 5.65 -23.20
CA GLU A 175 -15.96 6.39 -24.43
C GLU A 175 -17.01 7.47 -24.17
N LYS A 176 -18.05 7.17 -23.40
CA LYS A 176 -19.09 8.14 -23.07
C LYS A 176 -18.57 9.24 -22.15
N ALA A 177 -17.67 8.91 -21.22
CA ALA A 177 -17.15 9.87 -20.26
C ALA A 177 -16.29 10.96 -20.82
N LYS A 178 -16.53 12.19 -20.35
CA LYS A 178 -15.74 13.38 -20.67
C LYS A 178 -14.77 13.65 -19.51
N TYR A 179 -15.19 13.36 -18.24
CA TYR A 179 -14.37 13.51 -17.03
C TYR A 179 -14.23 12.13 -16.40
N ILE A 180 -12.99 11.67 -16.14
CA ILE A 180 -12.72 10.36 -15.54
C ILE A 180 -11.88 10.57 -14.29
N TYR A 181 -12.43 10.27 -13.12
CA TYR A 181 -11.72 10.46 -11.84
C TYR A 181 -11.33 9.11 -11.23
N ILE A 182 -10.03 8.93 -10.92
CA ILE A 182 -9.50 7.71 -10.32
C ILE A 182 -8.57 8.08 -9.19
N ALA A 183 -8.76 7.50 -8.00
CA ALA A 183 -7.88 7.77 -6.87
C ALA A 183 -6.50 7.14 -7.07
N GLY A 184 -5.49 7.73 -6.47
CA GLY A 184 -4.12 7.21 -6.54
C GLY A 184 -3.97 5.83 -5.95
N PHE A 185 -4.90 5.42 -5.05
CA PHE A 185 -4.90 4.08 -4.43
C PHE A 185 -5.07 3.00 -5.49
N PHE A 186 -5.87 3.26 -6.53
CA PHE A 186 -6.10 2.32 -7.63
C PHE A 186 -4.81 1.90 -8.37
N LEU A 187 -3.72 2.68 -8.24
CA LEU A 187 -2.42 2.32 -8.84
C LEU A 187 -1.84 1.04 -8.21
N THR A 188 -2.23 0.71 -6.97
CA THR A 188 -1.78 -0.50 -6.27
C THR A 188 -2.63 -1.73 -6.67
N VAL A 189 -3.89 -1.52 -7.08
CA VAL A 189 -4.81 -2.57 -7.45
C VAL A 189 -4.70 -2.91 -8.95
N SER A 190 -4.84 -1.90 -9.82
CA SER A 190 -4.82 -2.10 -11.27
C SER A 190 -4.09 -0.95 -11.98
N PRO A 191 -2.74 -0.94 -12.04
CA PRO A 191 -2.04 0.13 -12.76
C PRO A 191 -2.27 0.14 -14.27
N ASP A 192 -2.64 -1.02 -14.86
CA ASP A 192 -2.91 -1.11 -16.30
C ASP A 192 -4.19 -0.34 -16.67
N SER A 193 -5.24 -0.45 -15.85
CA SER A 193 -6.50 0.23 -16.09
C SER A 193 -6.36 1.74 -16.01
N ILE A 194 -5.71 2.27 -14.96
CA ILE A 194 -5.54 3.73 -14.80
C ILE A 194 -4.67 4.28 -15.96
N GLN A 195 -3.55 3.61 -16.29
CA GLN A 195 -2.69 4.06 -17.38
C GLN A 195 -3.41 3.99 -18.75
N LEU A 196 -4.21 2.93 -18.98
CA LEU A 196 -4.93 2.78 -20.24
C LEU A 196 -5.94 3.91 -20.46
N VAL A 197 -6.74 4.24 -19.43
CA VAL A 197 -7.75 5.30 -19.57
C VAL A 197 -7.11 6.70 -19.54
N ALA A 198 -5.98 6.88 -18.84
CA ALA A 198 -5.31 8.17 -18.79
C ALA A 198 -4.72 8.50 -20.16
N GLU A 199 -4.10 7.50 -20.82
CA GLU A 199 -3.55 7.69 -22.15
C GLU A 199 -4.68 7.89 -23.18
N HIS A 200 -5.83 7.21 -23.00
CA HIS A 200 -6.99 7.35 -23.86
C HIS A 200 -7.58 8.76 -23.75
N ALA A 201 -7.63 9.30 -22.52
CA ALA A 201 -8.14 10.65 -22.31
C ALA A 201 -7.29 11.70 -23.02
N ALA A 202 -5.97 11.52 -23.03
CA ALA A 202 -5.07 12.45 -23.71
C ALA A 202 -5.27 12.39 -25.22
N ALA A 203 -5.49 11.19 -25.77
CA ALA A 203 -5.70 10.99 -27.21
C ALA A 203 -7.08 11.43 -27.70
N ASN A 204 -8.13 11.33 -26.86
CA ASN A 204 -9.51 11.66 -27.26
C ASN A 204 -10.13 12.87 -26.53
N ASN A 205 -9.33 13.90 -26.23
CA ASN A 205 -9.76 15.15 -25.59
C ASN A 205 -10.71 14.96 -24.39
N LYS A 206 -10.30 14.13 -23.42
CA LYS A 206 -11.07 13.91 -22.19
C LYS A 206 -10.24 14.40 -20.99
N VAL A 207 -10.92 14.81 -19.93
CA VAL A 207 -10.28 15.31 -18.73
C VAL A 207 -10.06 14.15 -17.77
N PHE A 208 -8.80 13.84 -17.46
CA PHE A 208 -8.46 12.79 -16.52
C PHE A 208 -8.09 13.44 -15.19
N LEU A 209 -8.78 13.06 -14.11
CA LEU A 209 -8.55 13.61 -12.77
C LEU A 209 -8.10 12.50 -11.83
N MET A 210 -7.25 12.83 -10.85
CA MET A 210 -6.75 11.87 -9.88
C MET A 210 -6.42 12.56 -8.54
N ASN A 211 -6.13 11.76 -7.49
CA ASN A 211 -5.76 12.29 -6.18
C ASN A 211 -4.47 11.65 -5.64
N LEU A 212 -3.85 12.28 -4.64
CA LEU A 212 -2.59 11.82 -4.07
C LEU A 212 -2.78 10.80 -2.95
N SER A 213 -3.86 10.02 -2.95
CA SER A 213 -4.10 9.01 -1.93
C SER A 213 -3.28 7.76 -2.24
N ALA A 214 -1.98 7.80 -1.94
CA ALA A 214 -1.05 6.69 -2.17
C ALA A 214 -0.53 6.15 -0.82
N PRO A 215 -1.35 5.36 -0.08
CA PRO A 215 -0.92 4.82 1.23
C PRO A 215 0.40 4.07 1.24
N PHE A 216 0.61 3.25 0.23
CA PHE A 216 1.84 2.50 0.09
C PHE A 216 2.82 3.47 -0.59
N ILE A 217 4.07 3.55 -0.12
CA ILE A 217 5.05 4.43 -0.77
C ILE A 217 6.36 3.66 -0.95
N CYS A 218 6.30 2.67 -1.86
N CYS A 218 6.31 2.67 -1.85
CA CYS A 218 7.41 1.80 -2.26
CA CYS A 218 7.47 1.85 -2.22
C CYS A 218 7.90 2.21 -3.67
C CYS A 218 7.91 2.22 -3.65
N GLU A 219 9.08 1.72 -4.10
CA GLU A 219 9.62 2.01 -5.44
C GLU A 219 8.66 1.56 -6.56
N PHE A 220 7.95 0.44 -6.32
CA PHE A 220 6.96 -0.10 -7.25
C PHE A 220 5.83 0.88 -7.50
N PHE A 221 5.28 1.49 -6.45
CA PHE A 221 4.17 2.43 -6.59
C PHE A 221 4.60 3.86 -6.89
N ARG A 222 5.82 4.26 -6.53
CA ARG A 222 6.29 5.60 -6.88
C ARG A 222 6.45 5.71 -8.39
N ASP A 223 7.10 4.71 -9.03
CA ASP A 223 7.31 4.72 -10.48
C ASP A 223 5.99 4.56 -11.24
N ALA A 224 5.01 3.85 -10.67
CA ALA A 224 3.69 3.71 -11.28
C ALA A 224 2.97 5.06 -11.28
N GLN A 225 3.08 5.82 -10.18
CA GLN A 225 2.49 7.14 -10.09
C GLN A 225 3.22 8.13 -11.02
N GLU A 226 4.55 8.01 -11.13
CA GLU A 226 5.34 8.88 -12.01
C GLU A 226 4.89 8.77 -13.47
N LYS A 227 4.47 7.58 -13.90
CA LYS A 227 4.00 7.33 -15.26
C LYS A 227 2.63 7.95 -15.55
N VAL A 228 1.74 8.07 -14.54
CA VAL A 228 0.39 8.62 -14.74
C VAL A 228 0.30 10.14 -14.50
N LEU A 229 1.23 10.75 -13.74
CA LEU A 229 1.15 12.19 -13.46
C LEU A 229 1.08 13.07 -14.73
N PRO A 230 1.88 12.83 -15.82
CA PRO A 230 1.75 13.70 -17.00
C PRO A 230 0.36 13.73 -17.64
N TYR A 231 -0.43 12.66 -17.47
CA TYR A 231 -1.76 12.53 -18.03
C TYR A 231 -2.87 13.12 -17.13
N ALA A 232 -2.53 13.62 -15.92
CA ALA A 232 -3.51 14.18 -15.00
C ALA A 232 -3.77 15.68 -15.23
N ASP A 233 -4.99 16.03 -15.66
CA ASP A 233 -5.41 17.42 -15.85
C ASP A 233 -5.68 18.09 -14.50
N TYR A 234 -6.15 17.32 -13.50
CA TYR A 234 -6.44 17.79 -12.16
C TYR A 234 -5.86 16.82 -11.16
N ILE A 235 -5.20 17.32 -10.11
CA ILE A 235 -4.64 16.49 -9.04
C ILE A 235 -5.18 17.03 -7.72
N PHE A 236 -6.04 16.27 -7.06
CA PHE A 236 -6.62 16.63 -5.77
C PHE A 236 -5.76 16.03 -4.65
N GLY A 237 -5.83 16.63 -3.48
CA GLY A 237 -5.09 16.16 -2.32
C GLY A 237 -5.34 16.99 -1.09
N ASN A 238 -4.86 16.51 0.06
CA ASN A 238 -4.97 17.23 1.32
C ASN A 238 -3.56 17.64 1.78
N GLU A 239 -3.45 18.58 2.72
CA GLU A 239 -2.14 19.07 3.18
C GLU A 239 -1.15 17.95 3.58
N THR A 240 -1.63 16.87 4.22
CA THR A 240 -0.75 15.77 4.62
C THR A 240 -0.23 15.01 3.40
N GLU A 241 -1.11 14.68 2.45
CA GLU A 241 -0.73 13.97 1.22
C GLU A 241 0.24 14.81 0.40
N ALA A 242 -0.03 16.12 0.25
CA ALA A 242 0.82 17.03 -0.51
C ALA A 242 2.19 17.21 0.13
N LYS A 243 2.26 17.32 1.47
CA LYS A 243 3.54 17.47 2.17
C LYS A 243 4.42 16.22 2.04
N ILE A 244 3.80 15.03 2.05
CA ILE A 244 4.52 13.77 1.90
C ILE A 244 4.95 13.60 0.43
N PHE A 245 4.07 13.94 -0.54
CA PHE A 245 4.40 13.92 -1.97
C PHE A 245 5.63 14.77 -2.27
N ALA A 246 5.71 15.94 -1.64
CA ALA A 246 6.85 16.87 -1.79
C ALA A 246 8.14 16.29 -1.21
N LYS A 247 8.08 15.69 -0.01
CA LYS A 247 9.25 15.09 0.65
C LYS A 247 9.79 13.88 -0.11
N VAL A 248 8.90 13.08 -0.72
CA VAL A 248 9.30 11.90 -1.49
C VAL A 248 10.21 12.31 -2.66
N ARG A 249 9.78 13.28 -3.48
CA ARG A 249 10.54 13.70 -4.66
C ARG A 249 11.58 14.81 -4.41
N GLY A 250 12.06 14.93 -3.18
CA GLY A 250 13.12 15.88 -2.86
C GLY A 250 12.77 17.36 -2.77
N TRP A 251 11.49 17.74 -2.94
CA TRP A 251 11.10 19.15 -2.81
C TRP A 251 11.24 19.54 -1.34
N GLU A 252 12.20 20.41 -1.02
CA GLU A 252 12.45 20.81 0.37
C GLU A 252 11.38 21.74 0.97
N THR A 253 10.61 22.46 0.13
CA THR A 253 9.58 23.36 0.64
C THR A 253 8.45 22.62 1.38
N GLU A 254 7.90 23.28 2.41
CA GLU A 254 6.79 22.76 3.23
C GLU A 254 5.50 23.61 3.07
N ASN A 255 5.61 24.82 2.47
CA ASN A 255 4.47 25.72 2.24
C ASN A 255 3.51 25.03 1.27
N ILE A 256 2.26 24.80 1.68
CA ILE A 256 1.26 24.11 0.86
C ILE A 256 0.98 24.90 -0.45
N GLU A 257 1.00 26.23 -0.43
CA GLU A 257 0.79 27.03 -1.64
C GLU A 257 1.93 26.81 -2.67
N GLU A 258 3.17 26.67 -2.18
CA GLU A 258 4.31 26.40 -3.07
C GLU A 258 4.24 24.96 -3.60
N ILE A 259 3.84 23.99 -2.76
CA ILE A 259 3.76 22.59 -3.18
C ILE A 259 2.66 22.45 -4.24
N ALA A 260 1.49 23.10 -4.06
CA ALA A 260 0.41 23.06 -5.04
C ALA A 260 0.87 23.58 -6.40
N LEU A 261 1.65 24.66 -6.42
CA LEU A 261 2.19 25.22 -7.66
C LEU A 261 3.15 24.21 -8.31
N LYS A 262 4.04 23.61 -7.51
CA LYS A 262 4.98 22.61 -8.02
C LYS A 262 4.28 21.37 -8.57
N ILE A 263 3.09 21.01 -8.05
CA ILE A 263 2.31 19.88 -8.54
C ILE A 263 1.71 20.24 -9.91
N SER A 264 1.09 21.43 -10.00
CA SER A 264 0.51 21.90 -11.27
C SER A 264 1.55 22.03 -12.39
N GLN A 265 2.84 22.25 -12.04
CA GLN A 265 3.91 22.42 -13.02
C GLN A 265 4.77 21.15 -13.21
N LEU A 266 4.21 19.96 -12.90
CA LEU A 266 4.91 18.70 -13.14
C LEU A 266 4.92 18.42 -14.68
N PRO A 267 5.82 17.58 -15.26
CA PRO A 267 5.79 17.39 -16.73
C PRO A 267 4.42 17.00 -17.27
N LEU A 268 4.02 17.60 -18.41
CA LEU A 268 2.72 17.36 -19.04
C LEU A 268 2.86 16.45 -20.26
N ALA A 269 1.87 15.59 -20.51
CA ALA A 269 1.87 14.68 -21.66
C ALA A 269 1.54 15.46 -22.96
N SER A 270 1.78 14.86 -24.14
CA SER A 270 1.51 15.51 -25.41
C SER A 270 0.05 16.00 -25.54
N GLY A 271 -0.93 15.17 -25.17
CA GLY A 271 -2.33 15.56 -25.26
C GLY A 271 -2.85 16.48 -24.17
N LYS A 272 -1.94 17.11 -23.38
CA LYS A 272 -2.32 18.02 -22.29
C LYS A 272 -1.71 19.41 -22.54
N GLN A 273 -2.32 20.46 -21.96
CA GLN A 273 -1.86 21.85 -22.10
C GLN A 273 -1.58 22.51 -20.73
N LYS A 274 -2.42 22.24 -19.73
CA LYS A 274 -2.30 22.78 -18.36
C LYS A 274 -2.80 21.77 -17.31
N ARG A 275 -2.41 21.98 -16.05
CA ARG A 275 -2.82 21.16 -14.91
C ARG A 275 -3.28 22.08 -13.77
N ILE A 276 -4.30 21.65 -13.03
CA ILE A 276 -4.84 22.37 -11.88
C ILE A 276 -4.69 21.48 -10.67
N ALA A 277 -3.98 21.96 -9.63
CA ALA A 277 -3.78 21.20 -8.39
C ALA A 277 -4.65 21.80 -7.29
N VAL A 278 -5.51 20.99 -6.67
CA VAL A 278 -6.42 21.43 -5.60
C VAL A 278 -6.00 20.73 -4.30
N ILE A 279 -5.46 21.50 -3.34
CA ILE A 279 -5.01 20.96 -2.05
C ILE A 279 -5.90 21.54 -0.94
N THR A 280 -6.74 20.69 -0.32
CA THR A 280 -7.59 21.10 0.78
C THR A 280 -6.79 21.07 2.08
N GLN A 281 -7.14 21.92 3.06
CA GLN A 281 -6.46 21.99 4.35
C GLN A 281 -7.45 21.91 5.53
N GLY A 282 -8.51 21.13 5.37
CA GLY A 282 -9.54 20.97 6.38
C GLY A 282 -10.26 22.28 6.67
N ALA A 283 -10.04 22.85 7.86
CA ALA A 283 -10.66 24.11 8.26
C ALA A 283 -10.01 25.27 7.50
N ASP A 284 -8.67 25.22 7.32
CA ASP A 284 -7.90 26.24 6.59
C ASP A 284 -8.34 26.34 5.09
N PRO A 285 -8.04 27.43 4.35
CA PRO A 285 -8.55 27.54 2.97
C PRO A 285 -8.13 26.45 1.98
N VAL A 286 -8.91 26.30 0.90
CA VAL A 286 -8.59 25.36 -0.17
C VAL A 286 -7.61 26.10 -1.09
N VAL A 287 -6.50 25.45 -1.42
CA VAL A 287 -5.44 26.03 -2.26
C VAL A 287 -5.57 25.48 -3.69
N VAL A 288 -5.63 26.36 -4.69
CA VAL A 288 -5.73 25.94 -6.11
C VAL A 288 -4.63 26.62 -6.93
N ALA A 289 -3.85 25.80 -7.68
CA ALA A 289 -2.79 26.31 -8.56
C ALA A 289 -3.25 26.18 -10.01
N GLU A 290 -3.13 27.27 -10.78
CA GLU A 290 -3.55 27.31 -12.18
C GLU A 290 -2.80 28.43 -12.91
N ASP A 291 -2.27 28.14 -14.11
CA ASP A 291 -1.54 29.09 -14.95
C ASP A 291 -0.43 29.83 -14.20
N GLY A 292 0.39 29.09 -13.47
CA GLY A 292 1.50 29.64 -12.70
C GLY A 292 1.13 30.52 -11.53
N LYS A 293 -0.14 30.51 -11.09
CA LYS A 293 -0.62 31.33 -9.97
C LYS A 293 -1.41 30.47 -8.98
N VAL A 294 -1.30 30.81 -7.68
CA VAL A 294 -1.99 30.09 -6.60
C VAL A 294 -3.04 31.01 -5.98
N LYS A 295 -4.29 30.52 -5.83
CA LYS A 295 -5.39 31.28 -5.25
C LYS A 295 -5.91 30.57 -4.00
N THR A 296 -6.24 31.34 -2.95
CA THR A 296 -6.74 30.81 -1.68
C THR A 296 -8.25 31.02 -1.57
N PHE A 297 -8.94 30.00 -1.06
CA PHE A 297 -10.38 29.99 -0.96
C PHE A 297 -10.87 29.68 0.47
N PRO A 298 -11.17 30.69 1.31
CA PRO A 298 -11.67 30.39 2.66
C PRO A 298 -12.90 29.49 2.68
N VAL A 299 -12.96 28.57 3.65
CA VAL A 299 -14.06 27.63 3.81
C VAL A 299 -15.28 28.40 4.36
N ILE A 300 -16.43 28.30 3.67
CA ILE A 300 -17.67 28.95 4.10
C ILE A 300 -18.58 27.87 4.67
N LEU A 301 -19.04 28.03 5.93
CA LEU A 301 -19.87 27.05 6.62
C LEU A 301 -21.36 27.25 6.34
N LEU A 302 -22.16 26.19 6.57
CA LEU A 302 -23.61 26.20 6.39
C LEU A 302 -24.31 26.77 7.65
N PRO A 303 -25.60 27.23 7.59
CA PRO A 303 -26.24 27.77 8.80
C PRO A 303 -26.21 26.82 10.00
N LYS A 304 -25.59 27.27 11.12
CA LYS A 304 -25.44 26.51 12.37
C LYS A 304 -24.98 25.07 12.13
N GLU A 305 -23.71 24.93 11.71
CA GLU A 305 -23.13 23.63 11.38
C GLU A 305 -22.83 22.81 12.63
N THR A 310 -15.50 14.99 9.93
CA THR A 310 -14.37 14.94 8.98
C THR A 310 -14.37 13.67 8.11
N ASN A 311 -15.10 12.62 8.50
CA ASN A 311 -15.12 11.37 7.73
C ASN A 311 -15.77 11.56 6.35
N GLY A 312 -14.98 11.31 5.31
CA GLY A 312 -15.44 11.44 3.93
C GLY A 312 -15.62 12.88 3.45
N ALA A 313 -15.08 13.88 4.16
CA ALA A 313 -15.18 15.27 3.74
C ALA A 313 -14.39 15.49 2.45
N GLY A 314 -13.22 14.86 2.35
CA GLY A 314 -12.39 14.95 1.14
C GLY A 314 -13.08 14.34 -0.07
N ASP A 315 -13.73 13.18 0.12
CA ASP A 315 -14.46 12.50 -0.94
C ASP A 315 -15.64 13.36 -1.42
N ALA A 316 -16.37 13.96 -0.46
CA ALA A 316 -17.51 14.83 -0.77
C ALA A 316 -17.06 16.14 -1.42
N PHE A 317 -15.87 16.67 -1.05
CA PHE A 317 -15.34 17.88 -1.67
C PHE A 317 -15.07 17.61 -3.14
N VAL A 318 -14.40 16.49 -3.46
CA VAL A 318 -14.08 16.14 -4.83
C VAL A 318 -15.38 15.94 -5.64
N GLY A 319 -16.39 15.32 -5.02
CA GLY A 319 -17.70 15.13 -5.64
C GLY A 319 -18.39 16.42 -6.03
N GLY A 320 -18.41 17.39 -5.12
CA GLY A 320 -19.00 18.69 -5.38
C GLY A 320 -18.22 19.46 -6.43
N PHE A 321 -16.88 19.38 -6.37
CA PHE A 321 -16.00 20.02 -7.35
C PHE A 321 -16.25 19.42 -8.75
N LEU A 322 -16.36 18.08 -8.85
CA LEU A 322 -16.62 17.38 -10.12
C LEU A 322 -17.95 17.77 -10.74
N SER A 323 -18.99 18.01 -9.93
CA SER A 323 -20.31 18.37 -10.44
C SER A 323 -20.29 19.70 -11.21
N GLN A 324 -19.66 20.73 -10.66
CA GLN A 324 -19.58 22.03 -11.32
C GLN A 324 -18.59 21.98 -12.50
N LEU A 325 -17.54 21.15 -12.41
CA LEU A 325 -16.60 20.96 -13.50
C LEU A 325 -17.32 20.35 -14.72
N VAL A 326 -18.25 19.41 -14.46
CA VAL A 326 -19.08 18.78 -15.50
C VAL A 326 -19.94 19.85 -16.19
N LEU A 327 -20.53 20.77 -15.40
CA LEU A 327 -21.38 21.84 -15.94
C LEU A 327 -20.60 23.00 -16.64
N GLY A 328 -19.27 22.89 -16.72
CA GLY A 328 -18.44 23.90 -17.37
C GLY A 328 -18.39 25.21 -16.61
N LYS A 329 -18.29 25.14 -15.28
CA LYS A 329 -18.26 26.32 -14.41
C LYS A 329 -16.82 26.72 -14.06
N GLY A 330 -16.65 27.94 -13.56
CA GLY A 330 -15.35 28.44 -13.13
C GLY A 330 -14.83 27.75 -11.89
N ILE A 331 -13.55 27.95 -11.58
CA ILE A 331 -12.92 27.31 -10.42
C ILE A 331 -13.62 27.71 -9.09
N GLU A 332 -13.93 28.99 -8.88
CA GLU A 332 -14.59 29.43 -7.65
C GLU A 332 -15.89 28.66 -7.36
N ASP A 333 -16.70 28.38 -8.41
CA ASP A 333 -17.92 27.59 -8.25
C ASP A 333 -17.60 26.14 -7.85
N CYS A 334 -16.53 25.56 -8.41
CA CYS A 334 -16.10 24.20 -8.08
C CYS A 334 -15.63 24.09 -6.63
N VAL A 335 -14.95 25.12 -6.11
CA VAL A 335 -14.46 25.09 -4.73
C VAL A 335 -15.65 25.28 -3.78
N ARG A 336 -16.56 26.22 -4.10
CA ARG A 336 -17.74 26.47 -3.28
C ARG A 336 -18.65 25.24 -3.20
N ALA A 337 -18.86 24.56 -4.34
CA ALA A 337 -19.68 23.34 -4.36
C ALA A 337 -19.02 22.21 -3.60
N GLY A 338 -17.69 22.10 -3.71
CA GLY A 338 -16.92 21.11 -2.97
C GLY A 338 -17.04 21.32 -1.48
N CYS A 339 -16.91 22.57 -1.02
CA CYS A 339 -17.03 22.89 0.39
C CYS A 339 -18.46 22.69 0.86
N TYR A 340 -19.48 23.02 0.03
CA TYR A 340 -20.89 22.81 0.37
C TYR A 340 -21.15 21.31 0.62
N ALA A 341 -20.74 20.45 -0.32
CA ALA A 341 -20.95 19.01 -0.20
C ALA A 341 -20.20 18.41 0.99
N ALA A 342 -18.97 18.89 1.24
CA ALA A 342 -18.18 18.45 2.39
C ALA A 342 -18.84 18.87 3.71
N ASN A 343 -19.46 20.05 3.75
CA ASN A 343 -20.14 20.52 4.96
C ASN A 343 -21.44 19.75 5.22
N VAL A 344 -22.12 19.27 4.16
CA VAL A 344 -23.36 18.51 4.31
C VAL A 344 -23.03 17.11 4.88
N ILE A 345 -22.07 16.41 4.27
CA ILE A 345 -21.66 15.05 4.64
C ILE A 345 -21.16 14.96 6.11
N ILE A 346 -20.36 15.94 6.57
CA ILE A 346 -19.82 15.90 7.95
C ILE A 346 -20.92 16.09 9.02
N GLN A 347 -22.08 16.70 8.66
CA GLN A 347 -23.22 16.86 9.59
C GLN A 347 -24.21 15.67 9.49
N ARG A 348 -23.77 14.51 8.97
CA ARG A 348 -24.63 13.34 8.76
C ARG A 348 -23.88 12.04 9.12
N PRO A 349 -24.55 10.94 9.58
CA PRO A 349 -23.78 9.71 9.90
C PRO A 349 -23.29 9.02 8.62
N GLY A 350 -22.01 9.17 8.32
CA GLY A 350 -21.39 8.61 7.13
C GLY A 350 -21.37 9.57 5.97
N CYS A 351 -21.24 9.06 4.75
CA CYS A 351 -21.20 9.87 3.52
C CYS A 351 -22.59 9.89 2.88
N THR A 352 -23.62 10.26 3.67
CA THR A 352 -25.01 10.35 3.24
C THR A 352 -25.41 11.80 2.93
N TYR A 353 -26.59 12.03 2.32
CA TYR A 353 -27.04 13.38 1.96
C TYR A 353 -28.59 13.47 1.82
N PRO A 354 -29.23 14.68 1.86
CA PRO A 354 -30.69 14.72 1.65
C PRO A 354 -31.10 14.41 0.19
N GLU A 355 -32.41 14.34 -0.10
CA GLU A 355 -32.92 14.02 -1.43
C GLU A 355 -32.38 14.95 -2.53
N LYS A 356 -32.52 16.28 -2.35
CA LYS A 356 -32.10 17.27 -3.34
C LYS A 356 -31.10 18.28 -2.74
N PRO A 357 -30.12 18.85 -3.50
CA PRO A 357 -29.21 19.83 -2.89
C PRO A 357 -29.81 21.25 -2.83
N ASP A 358 -29.15 22.13 -2.08
CA ASP A 358 -29.54 23.52 -1.93
C ASP A 358 -28.30 24.40 -2.18
N PHE A 359 -27.67 24.23 -3.35
CA PHE A 359 -26.48 24.99 -3.72
C PHE A 359 -26.83 25.95 -4.86
N ASN A 360 -26.92 27.26 -4.56
CA ASN A 360 -27.26 28.32 -5.50
C ASN A 360 -28.52 28.06 -6.31
N ALA B 20 26.69 -22.07 15.19
CA ALA B 20 25.91 -23.03 15.98
C ALA B 20 24.60 -22.40 16.49
N ALA B 21 23.51 -22.59 15.72
CA ALA B 21 22.16 -22.08 16.03
C ALA B 21 21.18 -23.26 16.14
N SER B 22 20.15 -23.17 17.02
CA SER B 22 19.19 -24.26 17.20
C SER B 22 18.19 -24.37 16.02
N GLU B 23 17.48 -25.52 15.93
CA GLU B 23 16.50 -25.78 14.86
C GLU B 23 15.37 -24.75 14.86
N GLY B 24 15.21 -24.07 13.74
CA GLY B 24 14.17 -23.05 13.56
C GLY B 24 14.30 -21.86 14.49
N VAL B 25 15.53 -21.50 14.87
CA VAL B 25 15.77 -20.37 15.78
C VAL B 25 15.36 -19.01 15.18
N LEU B 26 15.38 -18.87 13.85
CA LEU B 26 14.96 -17.64 13.19
C LEU B 26 13.84 -17.96 12.22
N LEU B 27 12.72 -17.23 12.33
CA LEU B 27 11.55 -17.40 11.47
C LEU B 27 11.23 -16.09 10.75
N GLY B 28 10.73 -16.20 9.53
CA GLY B 28 10.27 -15.07 8.73
C GLY B 28 8.87 -15.32 8.19
N MET B 29 8.11 -14.25 7.99
CA MET B 29 6.77 -14.32 7.44
C MET B 29 6.63 -13.17 6.47
N GLY B 30 6.10 -13.43 5.27
CA GLY B 30 5.96 -12.36 4.28
C GLY B 30 5.19 -12.69 3.02
N ASN B 31 5.58 -11.98 1.95
CA ASN B 31 5.01 -12.08 0.61
C ASN B 31 6.04 -12.77 -0.30
N PRO B 32 6.03 -14.12 -0.40
CA PRO B 32 7.04 -14.78 -1.25
C PRO B 32 6.77 -14.64 -2.75
N LEU B 33 7.81 -14.30 -3.53
CA LEU B 33 7.70 -14.17 -4.98
C LEU B 33 8.84 -14.94 -5.62
N LEU B 34 8.57 -15.84 -6.57
CA LEU B 34 9.62 -16.58 -7.25
C LEU B 34 10.32 -15.60 -8.20
N ASP B 35 11.54 -15.16 -7.85
CA ASP B 35 12.30 -14.25 -8.68
C ASP B 35 12.90 -15.03 -9.84
N ILE B 36 12.45 -14.72 -11.07
CA ILE B 36 12.95 -15.34 -12.29
C ILE B 36 13.98 -14.37 -12.86
N SER B 37 15.25 -14.54 -12.47
CA SER B 37 16.35 -13.68 -12.90
C SER B 37 17.07 -14.19 -14.13
N ALA B 38 17.48 -13.28 -15.02
CA ALA B 38 18.21 -13.62 -16.25
C ALA B 38 18.91 -12.38 -16.81
N VAL B 39 20.09 -12.55 -17.41
CA VAL B 39 20.81 -11.44 -18.04
C VAL B 39 20.11 -11.19 -19.38
N VAL B 40 19.67 -9.94 -19.63
CA VAL B 40 18.96 -9.59 -20.86
C VAL B 40 19.75 -8.56 -21.71
N ASP B 41 19.30 -8.30 -22.95
CA ASP B 41 19.92 -7.36 -23.89
C ASP B 41 18.93 -6.21 -24.26
N ASP B 42 19.38 -5.22 -25.06
CA ASP B 42 18.55 -4.10 -25.50
C ASP B 42 17.25 -4.56 -26.20
N ALA B 43 17.36 -5.56 -27.10
CA ALA B 43 16.20 -6.08 -27.83
C ALA B 43 15.10 -6.59 -26.90
N PHE B 44 15.47 -7.28 -25.81
CA PHE B 44 14.50 -7.78 -24.85
C PHE B 44 13.81 -6.63 -24.10
N LEU B 45 14.58 -5.62 -23.65
CA LEU B 45 14.02 -4.50 -22.92
C LEU B 45 13.10 -3.65 -23.82
N THR B 46 13.48 -3.48 -25.09
CA THR B 46 12.66 -2.75 -26.08
C THR B 46 11.38 -3.53 -26.40
N LYS B 47 11.49 -4.86 -26.58
CA LYS B 47 10.36 -5.74 -26.92
C LYS B 47 9.21 -5.63 -25.92
N TYR B 48 9.51 -5.69 -24.62
CA TYR B 48 8.48 -5.61 -23.58
C TYR B 48 8.36 -4.22 -22.93
N ASP B 49 8.99 -3.17 -23.54
CA ASP B 49 8.94 -1.78 -23.08
C ASP B 49 9.16 -1.66 -21.57
N ILE B 50 10.35 -2.07 -21.11
CA ILE B 50 10.72 -2.05 -19.70
C ILE B 50 12.05 -1.31 -19.53
N LYS B 51 12.13 -0.44 -18.52
CA LYS B 51 13.28 0.42 -18.23
C LYS B 51 14.12 -0.15 -17.10
N LEU B 52 15.45 0.09 -17.13
CA LEU B 52 16.35 -0.32 -16.07
C LEU B 52 16.21 0.64 -14.86
N ASN B 53 16.54 0.16 -13.65
CA ASN B 53 16.37 0.87 -12.37
C ASN B 53 14.92 1.38 -12.25
N ASN B 54 13.97 0.46 -12.42
CA ASN B 54 12.55 0.75 -12.39
C ASN B 54 11.81 -0.46 -11.84
N ALA B 55 10.91 -0.22 -10.89
CA ALA B 55 10.12 -1.27 -10.26
C ALA B 55 8.68 -1.13 -10.76
N ILE B 56 8.25 -2.03 -11.66
CA ILE B 56 6.94 -1.99 -12.30
C ILE B 56 6.05 -3.10 -11.75
N LEU B 57 4.75 -2.83 -11.53
CA LEU B 57 3.82 -3.88 -11.13
C LEU B 57 3.35 -4.61 -12.41
N ALA B 58 2.96 -5.87 -12.23
CA ALA B 58 2.40 -6.70 -13.28
C ALA B 58 1.05 -7.18 -12.76
N GLU B 59 -0.03 -6.60 -13.27
CA GLU B 59 -1.39 -6.99 -12.88
C GLU B 59 -1.67 -8.47 -13.25
N GLU B 60 -1.06 -8.95 -14.34
CA GLU B 60 -1.15 -10.34 -14.80
C GLU B 60 0.23 -10.78 -15.31
N LYS B 61 0.49 -12.10 -15.29
CA LYS B 61 1.77 -12.62 -15.77
C LYS B 61 1.82 -12.48 -17.29
N HIS B 62 2.80 -11.71 -17.81
CA HIS B 62 2.97 -11.53 -19.24
C HIS B 62 3.61 -12.82 -19.76
N LEU B 63 2.77 -13.80 -20.09
CA LEU B 63 3.22 -15.14 -20.50
C LEU B 63 4.29 -15.12 -21.63
N PRO B 64 4.15 -14.37 -22.76
CA PRO B 64 5.24 -14.35 -23.76
C PRO B 64 6.61 -13.97 -23.18
N MET B 65 6.66 -13.01 -22.23
CA MET B 65 7.90 -12.59 -21.58
C MET B 65 8.40 -13.65 -20.58
N TYR B 66 7.50 -14.19 -19.73
CA TYR B 66 7.84 -15.21 -18.74
C TYR B 66 8.39 -16.48 -19.38
N ASP B 67 7.76 -16.93 -20.46
CA ASP B 67 8.22 -18.11 -21.20
C ASP B 67 9.56 -17.81 -21.87
N GLU B 68 9.76 -16.58 -22.38
CA GLU B 68 11.03 -16.20 -23.01
C GLU B 68 12.16 -16.21 -21.98
N LEU B 69 11.89 -15.72 -20.76
CA LEU B 69 12.90 -15.73 -19.69
C LEU B 69 13.21 -17.18 -19.30
N ALA B 70 12.18 -18.05 -19.16
CA ALA B 70 12.38 -19.46 -18.83
C ALA B 70 13.27 -20.16 -19.90
N SER B 71 13.28 -19.68 -21.15
CA SER B 71 14.12 -20.24 -22.23
C SER B 71 15.39 -19.39 -22.46
N LYS B 72 16.17 -19.13 -21.38
CA LYS B 72 17.41 -18.32 -21.48
C LYS B 72 18.59 -19.02 -20.83
N SER B 73 19.80 -18.71 -21.30
CA SER B 73 21.03 -19.23 -20.72
C SER B 73 21.26 -18.54 -19.39
N ASN B 74 21.62 -19.31 -18.35
CA ASN B 74 21.83 -18.82 -16.99
C ASN B 74 20.54 -18.26 -16.36
N VAL B 75 19.36 -18.83 -16.71
CA VAL B 75 18.09 -18.41 -16.08
C VAL B 75 18.14 -18.98 -14.66
N GLU B 76 17.78 -18.16 -13.68
CA GLU B 76 17.94 -18.51 -12.28
C GLU B 76 16.62 -18.32 -11.53
N TYR B 77 16.13 -19.37 -10.86
CA TYR B 77 14.90 -19.32 -10.06
C TYR B 77 15.28 -19.20 -8.60
N ILE B 78 14.73 -18.20 -7.90
CA ILE B 78 15.07 -17.93 -6.50
C ILE B 78 13.79 -17.71 -5.70
N ALA B 79 13.69 -18.31 -4.49
CA ALA B 79 12.55 -18.09 -3.62
C ALA B 79 12.75 -16.69 -3.02
N GLY B 80 12.20 -15.69 -3.70
CA GLY B 80 12.38 -14.31 -3.35
C GLY B 80 11.33 -13.74 -2.40
N GLY B 81 11.18 -12.43 -2.45
CA GLY B 81 10.33 -11.67 -1.55
C GLY B 81 11.26 -11.07 -0.51
N ALA B 82 11.06 -9.79 -0.18
CA ALA B 82 11.94 -9.08 0.76
C ALA B 82 12.32 -9.88 2.05
N THR B 83 11.32 -10.42 2.78
CA THR B 83 11.58 -11.16 4.01
C THR B 83 12.26 -12.51 3.73
N GLN B 84 11.77 -13.27 2.74
CA GLN B 84 12.37 -14.55 2.40
C GLN B 84 13.83 -14.40 1.97
N ASN B 85 14.17 -13.32 1.26
CA ASN B 85 15.57 -13.03 0.87
C ASN B 85 16.43 -12.87 2.13
N SER B 86 15.96 -12.10 3.14
CA SER B 86 16.66 -11.92 4.42
C SER B 86 16.86 -13.25 5.14
N ILE B 87 15.86 -14.15 5.08
CA ILE B 87 15.94 -15.47 5.72
C ILE B 87 16.96 -16.38 5.01
N ARG B 88 16.95 -16.39 3.67
CA ARG B 88 17.91 -17.18 2.90
C ARG B 88 19.34 -16.69 3.12
N VAL B 89 19.54 -15.36 3.18
CA VAL B 89 20.86 -14.76 3.43
C VAL B 89 21.32 -15.10 4.85
N ALA B 90 20.41 -15.11 5.83
CA ALA B 90 20.74 -15.49 7.21
C ALA B 90 21.13 -16.96 7.29
N GLN B 91 20.41 -17.84 6.57
CA GLN B 91 20.71 -19.26 6.55
C GLN B 91 22.09 -19.48 5.90
N TRP B 92 22.36 -18.81 4.78
CA TRP B 92 23.64 -18.89 4.08
C TRP B 92 24.79 -18.41 4.99
N MET B 93 24.55 -17.33 5.73
CA MET B 93 25.55 -16.75 6.62
C MET B 93 25.80 -17.65 7.85
N LEU B 94 24.74 -18.28 8.40
CA LEU B 94 24.86 -19.17 9.56
C LEU B 94 25.49 -20.51 9.20
N GLN B 95 25.08 -21.10 8.06
CA GLN B 95 25.54 -22.41 7.57
C GLN B 95 25.04 -23.61 8.40
N THR B 96 24.48 -23.41 9.61
CA THR B 96 23.99 -24.51 10.43
C THR B 96 22.71 -25.07 9.77
N PRO B 97 22.64 -26.34 9.31
CA PRO B 97 21.39 -26.81 8.69
C PRO B 97 20.18 -26.79 9.63
N GLY B 98 19.03 -26.41 9.09
CA GLY B 98 17.78 -26.35 9.84
C GLY B 98 17.63 -25.19 10.81
N ALA B 99 18.50 -24.18 10.75
CA ALA B 99 18.43 -23.04 11.66
C ALA B 99 17.32 -22.03 11.34
N THR B 100 16.90 -21.92 10.07
CA THR B 100 15.89 -20.96 9.66
C THR B 100 14.56 -21.58 9.21
N SER B 101 13.47 -20.79 9.32
CA SER B 101 12.12 -21.15 8.94
C SER B 101 11.44 -19.97 8.23
N TYR B 102 10.40 -20.26 7.43
CA TYR B 102 9.66 -19.22 6.72
C TYR B 102 8.24 -19.68 6.41
N MET B 103 7.26 -18.76 6.52
CA MET B 103 5.86 -19.03 6.21
C MET B 103 5.34 -17.89 5.32
N GLY B 104 4.64 -18.26 4.26
CA GLY B 104 4.09 -17.31 3.30
C GLY B 104 3.12 -17.98 2.33
N CYS B 105 2.34 -17.19 1.59
CA CYS B 105 1.34 -17.74 0.67
C CYS B 105 1.86 -17.90 -0.77
N ILE B 106 1.60 -19.09 -1.35
CA ILE B 106 1.93 -19.44 -2.74
C ILE B 106 0.68 -20.08 -3.41
N GLY B 107 0.72 -20.27 -4.73
CA GLY B 107 -0.34 -20.93 -5.47
C GLY B 107 -0.03 -22.37 -5.78
N LYS B 108 -1.02 -23.11 -6.25
CA LYS B 108 -0.87 -24.53 -6.61
C LYS B 108 -0.53 -24.64 -8.10
N ASP B 109 0.72 -24.29 -8.46
CA ASP B 109 1.17 -24.29 -9.86
C ASP B 109 2.68 -24.62 -10.00
N LYS B 110 3.23 -24.59 -11.23
CA LYS B 110 4.64 -24.90 -11.49
C LYS B 110 5.59 -23.95 -10.74
N PHE B 111 5.26 -22.65 -10.69
CA PHE B 111 6.11 -21.67 -9.99
C PHE B 111 6.10 -21.89 -8.46
N GLY B 112 5.02 -22.45 -7.91
CA GLY B 112 4.94 -22.79 -6.50
C GLY B 112 5.84 -23.96 -6.15
N GLU B 113 5.96 -24.93 -7.07
CA GLU B 113 6.85 -26.08 -6.90
C GLU B 113 8.31 -25.63 -7.01
N GLU B 114 8.62 -24.67 -7.91
CA GLU B 114 9.97 -24.11 -8.03
C GLU B 114 10.35 -23.32 -6.78
N MET B 115 9.37 -22.65 -6.13
CA MET B 115 9.59 -21.92 -4.89
C MET B 115 9.96 -22.92 -3.78
N LYS B 116 9.24 -24.04 -3.69
CA LYS B 116 9.53 -25.07 -2.70
C LYS B 116 10.89 -25.73 -2.96
N LYS B 117 11.23 -25.95 -4.24
CA LYS B 117 12.53 -26.54 -4.61
C LYS B 117 13.68 -25.61 -4.20
N ASN B 118 13.59 -24.31 -4.52
CA ASN B 118 14.66 -23.38 -4.20
C ASN B 118 14.79 -23.08 -2.71
N ALA B 119 13.67 -23.01 -1.96
CA ALA B 119 13.74 -22.78 -0.52
C ALA B 119 14.46 -23.94 0.18
N GLN B 120 14.22 -25.17 -0.27
CA GLN B 120 14.88 -26.37 0.26
C GLN B 120 16.38 -26.32 -0.08
N ALA B 121 16.75 -25.90 -1.30
CA ALA B 121 18.14 -25.77 -1.72
C ALA B 121 18.86 -24.70 -0.92
N ALA B 122 18.18 -23.58 -0.62
CA ALA B 122 18.74 -22.50 0.20
C ALA B 122 18.88 -22.85 1.69
N GLY B 123 18.36 -24.01 2.12
CA GLY B 123 18.43 -24.46 3.50
C GLY B 123 17.35 -23.92 4.41
N VAL B 124 16.27 -23.35 3.85
CA VAL B 124 15.18 -22.77 4.64
C VAL B 124 14.02 -23.76 4.78
N THR B 125 13.56 -24.03 6.02
CA THR B 125 12.43 -24.91 6.27
C THR B 125 11.18 -24.05 6.04
N ALA B 126 10.64 -24.10 4.81
CA ALA B 126 9.49 -23.28 4.44
C ALA B 126 8.17 -24.06 4.51
N HIS B 127 7.19 -23.50 5.23
CA HIS B 127 5.85 -24.06 5.38
C HIS B 127 4.91 -23.07 4.72
N TYR B 128 4.66 -23.23 3.42
CA TYR B 128 3.82 -22.31 2.68
C TYR B 128 2.32 -22.62 2.78
N TYR B 129 1.50 -21.57 2.63
CA TYR B 129 0.05 -21.67 2.60
C TYR B 129 -0.35 -21.67 1.12
N GLU B 130 -0.93 -22.78 0.63
CA GLU B 130 -1.29 -22.87 -0.79
C GLU B 130 -2.72 -22.40 -1.05
N ASP B 131 -2.86 -21.28 -1.78
CA ASP B 131 -4.17 -20.74 -2.14
C ASP B 131 -4.79 -21.66 -3.20
N GLU B 132 -6.10 -21.87 -3.12
CA GLU B 132 -6.80 -22.77 -4.02
C GLU B 132 -7.03 -22.22 -5.45
N THR B 133 -6.77 -20.93 -5.73
CA THR B 133 -6.98 -20.38 -7.08
C THR B 133 -5.95 -19.32 -7.54
N ALA B 134 -5.43 -18.47 -6.64
CA ALA B 134 -4.49 -17.43 -7.02
C ALA B 134 -3.12 -18.04 -7.42
N PRO B 135 -2.57 -17.79 -8.63
CA PRO B 135 -1.26 -18.36 -8.97
C PRO B 135 -0.12 -17.73 -8.16
N THR B 136 0.95 -18.50 -7.91
CA THR B 136 2.13 -18.07 -7.14
C THR B 136 2.68 -16.72 -7.61
N GLY B 137 3.05 -15.88 -6.65
CA GLY B 137 3.64 -14.60 -6.95
C GLY B 137 5.00 -14.77 -7.59
N THR B 138 5.29 -13.99 -8.63
CA THR B 138 6.55 -14.06 -9.38
C THR B 138 7.13 -12.67 -9.61
N CYS B 139 8.41 -12.59 -9.96
CA CYS B 139 9.06 -11.33 -10.25
C CYS B 139 10.18 -11.52 -11.24
N ALA B 140 10.06 -10.96 -12.44
CA ALA B 140 11.11 -11.03 -13.44
C ALA B 140 12.21 -10.05 -13.06
N VAL B 141 13.45 -10.53 -12.92
CA VAL B 141 14.60 -9.70 -12.55
C VAL B 141 15.53 -9.65 -13.76
N CYS B 142 15.26 -8.71 -14.67
CA CYS B 142 16.03 -8.52 -15.88
C CYS B 142 17.27 -7.72 -15.50
N VAL B 143 18.46 -8.36 -15.55
CA VAL B 143 19.72 -7.73 -15.12
C VAL B 143 20.65 -7.45 -16.30
N VAL B 144 21.15 -6.21 -16.42
CA VAL B 144 22.14 -5.83 -17.42
C VAL B 144 23.20 -5.06 -16.64
N GLY B 145 24.41 -5.61 -16.56
CA GLY B 145 25.48 -5.01 -15.78
C GLY B 145 25.12 -5.02 -14.30
N GLY B 146 25.22 -3.86 -13.67
CA GLY B 146 24.84 -3.69 -12.26
C GLY B 146 23.38 -3.31 -12.07
N GLU B 147 22.75 -2.70 -13.10
CA GLU B 147 21.33 -2.29 -13.02
C GLU B 147 20.37 -3.47 -13.27
N ARG B 148 19.11 -3.33 -12.80
CA ARG B 148 18.07 -4.36 -12.90
C ARG B 148 16.68 -3.75 -13.19
N SER B 149 15.70 -4.58 -13.58
CA SER B 149 14.33 -4.12 -13.80
C SER B 149 13.39 -5.16 -13.21
N LEU B 150 12.62 -4.79 -12.18
CA LEU B 150 11.69 -5.71 -11.53
C LEU B 150 10.29 -5.57 -12.10
N ILE B 151 9.65 -6.70 -12.45
CA ILE B 151 8.28 -6.73 -12.93
C ILE B 151 7.59 -7.77 -12.04
N ALA B 152 7.00 -7.30 -10.91
CA ALA B 152 6.39 -8.16 -9.90
C ALA B 152 4.89 -8.36 -10.05
N ASN B 153 4.44 -9.63 -9.98
CA ASN B 153 3.03 -10.02 -10.00
C ASN B 153 2.83 -10.68 -8.64
N LEU B 154 2.25 -9.95 -7.67
CA LEU B 154 2.10 -10.45 -6.29
C LEU B 154 1.09 -11.62 -6.21
N SER B 155 -0.11 -11.42 -6.76
CA SER B 155 -1.16 -12.43 -6.85
C SER B 155 -1.35 -13.27 -5.52
N ALA B 156 -0.81 -14.52 -5.39
CA ALA B 156 -1.02 -15.34 -4.20
C ALA B 156 -0.27 -14.86 -2.97
N ALA B 157 0.83 -14.11 -3.13
CA ALA B 157 1.59 -13.60 -1.98
C ALA B 157 0.73 -12.71 -1.06
N ASN B 158 -0.29 -12.01 -1.61
CA ASN B 158 -1.19 -11.17 -0.81
C ASN B 158 -2.41 -11.94 -0.27
N CYS B 159 -2.38 -13.29 -0.26
CA CYS B 159 -3.54 -14.09 0.19
C CYS B 159 -3.26 -14.96 1.42
N TYR B 160 -2.29 -14.58 2.28
CA TYR B 160 -1.99 -15.38 3.47
C TYR B 160 -3.09 -15.19 4.51
N LYS B 161 -3.53 -16.29 5.14
CA LYS B 161 -4.57 -16.27 6.16
C LYS B 161 -3.99 -16.77 7.49
N SER B 162 -4.43 -16.16 8.60
CA SER B 162 -3.99 -16.54 9.95
C SER B 162 -4.37 -17.98 10.32
N GLU B 163 -5.38 -18.58 9.65
CA GLU B 163 -5.77 -19.97 9.89
C GLU B 163 -4.60 -20.92 9.63
N HIS B 164 -3.71 -20.61 8.67
CA HIS B 164 -2.54 -21.42 8.37
C HIS B 164 -1.56 -21.34 9.55
N LEU B 165 -1.28 -20.12 10.03
CA LEU B 165 -0.38 -19.89 11.16
C LEU B 165 -0.87 -20.61 12.41
N LYS B 166 -2.19 -20.55 12.69
CA LYS B 166 -2.77 -21.16 13.87
C LYS B 166 -2.79 -22.70 13.84
N ARG B 167 -2.52 -23.34 12.67
CA ARG B 167 -2.46 -24.81 12.62
C ARG B 167 -1.26 -25.28 13.46
N PRO B 168 -1.31 -26.45 14.15
CA PRO B 168 -0.17 -26.83 15.01
C PRO B 168 1.17 -27.05 14.31
N GLU B 169 1.20 -27.66 13.11
CA GLU B 169 2.47 -27.89 12.41
C GLU B 169 3.18 -26.59 11.96
N ASN B 170 2.42 -25.47 11.88
CA ASN B 170 2.96 -24.16 11.49
C ASN B 170 3.20 -23.29 12.72
N TRP B 171 2.35 -23.38 13.74
CA TRP B 171 2.55 -22.66 14.99
C TRP B 171 3.79 -23.20 15.74
N ALA B 172 4.19 -24.47 15.51
CA ALA B 172 5.40 -25.06 16.09
C ALA B 172 6.66 -24.27 15.65
N LEU B 173 6.63 -23.67 14.46
CA LEU B 173 7.75 -22.86 13.97
C LEU B 173 7.87 -21.56 14.80
N VAL B 174 6.73 -21.00 15.27
CA VAL B 174 6.71 -19.81 16.11
C VAL B 174 7.30 -20.18 17.48
N GLU B 175 6.83 -21.32 18.04
CA GLU B 175 7.29 -21.84 19.33
C GLU B 175 8.80 -22.12 19.31
N LYS B 176 9.32 -22.72 18.23
CA LYS B 176 10.75 -23.01 18.10
C LYS B 176 11.57 -21.74 17.96
N ALA B 177 11.04 -20.74 17.24
CA ALA B 177 11.76 -19.50 16.98
C ALA B 177 12.04 -18.63 18.19
N LYS B 178 13.27 -18.12 18.26
CA LYS B 178 13.72 -17.16 19.27
C LYS B 178 13.63 -15.75 18.62
N TYR B 179 13.99 -15.62 17.33
CA TYR B 179 13.95 -14.37 16.58
C TYR B 179 12.94 -14.51 15.45
N ILE B 180 11.96 -13.59 15.36
CA ILE B 180 10.92 -13.63 14.35
C ILE B 180 10.94 -12.30 13.59
N TYR B 181 11.28 -12.32 12.30
CA TYR B 181 11.35 -11.11 11.49
C TYR B 181 10.22 -11.05 10.48
N ILE B 182 9.45 -9.94 10.48
CA ILE B 182 8.32 -9.74 9.57
C ILE B 182 8.39 -8.33 9.01
N ALA B 183 8.33 -8.17 7.68
CA ALA B 183 8.34 -6.84 7.08
C ALA B 183 7.03 -6.10 7.35
N GLY B 184 7.10 -4.78 7.37
CA GLY B 184 5.93 -3.93 7.57
C GLY B 184 4.88 -4.07 6.49
N PHE B 185 5.28 -4.40 5.26
CA PHE B 185 4.33 -4.57 4.15
C PHE B 185 3.33 -5.70 4.45
N PHE B 186 3.75 -6.75 5.16
CA PHE B 186 2.88 -7.88 5.51
C PHE B 186 1.68 -7.45 6.37
N LEU B 187 1.69 -6.24 6.97
CA LEU B 187 0.53 -5.70 7.71
C LEU B 187 -0.68 -5.53 6.79
N THR B 188 -0.44 -5.25 5.51
CA THR B 188 -1.48 -5.05 4.51
C THR B 188 -2.12 -6.40 4.09
N VAL B 189 -1.36 -7.51 4.20
CA VAL B 189 -1.81 -8.84 3.81
C VAL B 189 -2.49 -9.55 4.98
N SER B 190 -1.82 -9.67 6.14
CA SER B 190 -2.37 -10.36 7.30
C SER B 190 -1.98 -9.65 8.61
N PRO B 191 -2.72 -8.58 9.03
CA PRO B 191 -2.37 -7.92 10.31
C PRO B 191 -2.63 -8.81 11.54
N ASP B 192 -3.51 -9.82 11.43
CA ASP B 192 -3.79 -10.74 12.53
C ASP B 192 -2.59 -11.62 12.85
N SER B 193 -1.90 -12.14 11.81
CA SER B 193 -0.73 -12.99 11.98
C SER B 193 0.42 -12.24 12.65
N ILE B 194 0.60 -10.97 12.30
CA ILE B 194 1.67 -10.15 12.87
C ILE B 194 1.35 -9.90 14.34
N GLN B 195 0.13 -9.45 14.64
CA GLN B 195 -0.27 -9.16 16.02
C GLN B 195 -0.19 -10.42 16.89
N LEU B 196 -0.61 -11.57 16.36
CA LEU B 196 -0.57 -12.83 17.11
C LEU B 196 0.86 -13.24 17.48
N VAL B 197 1.82 -13.17 16.54
CA VAL B 197 3.21 -13.56 16.84
C VAL B 197 3.99 -12.46 17.58
N ALA B 198 3.65 -11.17 17.40
CA ALA B 198 4.34 -10.09 18.12
C ALA B 198 3.93 -10.11 19.59
N GLU B 199 2.63 -10.32 19.88
CA GLU B 199 2.15 -10.42 21.26
C GLU B 199 2.68 -11.69 21.92
N HIS B 200 2.79 -12.80 21.15
CA HIS B 200 3.33 -14.06 21.66
C HIS B 200 4.80 -13.91 22.02
N ALA B 201 5.57 -13.18 21.21
CA ALA B 201 6.99 -12.95 21.49
C ALA B 201 7.19 -12.18 22.79
N ALA B 202 6.33 -11.20 23.07
CA ALA B 202 6.41 -10.42 24.30
C ALA B 202 6.10 -11.29 25.52
N ALA B 203 5.12 -12.20 25.39
CA ALA B 203 4.71 -13.09 26.47
C ALA B 203 5.69 -14.24 26.73
N ASN B 204 6.40 -14.74 25.69
CA ASN B 204 7.31 -15.89 25.81
C ASN B 204 8.80 -15.57 25.56
N ASN B 205 9.26 -14.37 25.97
CA ASN B 205 10.66 -13.92 25.86
C ASN B 205 11.33 -14.21 24.50
N LYS B 206 10.67 -13.78 23.41
CA LYS B 206 11.22 -13.92 22.05
C LYS B 206 11.45 -12.52 21.47
N VAL B 207 12.42 -12.42 20.56
CA VAL B 207 12.78 -11.17 19.93
C VAL B 207 11.96 -11.01 18.65
N PHE B 208 11.10 -9.99 18.59
CA PHE B 208 10.31 -9.72 17.39
C PHE B 208 10.97 -8.55 16.64
N LEU B 209 11.30 -8.76 15.37
CA LEU B 209 11.94 -7.75 14.54
C LEU B 209 11.04 -7.41 13.35
N MET B 210 11.10 -6.15 12.91
CA MET B 210 10.30 -5.69 11.78
C MET B 210 11.01 -4.55 11.04
N ASN B 211 10.48 -4.14 9.88
CA ASN B 211 11.05 -3.04 9.10
C ASN B 211 9.96 -2.05 8.68
N LEU B 212 10.37 -0.85 8.25
CA LEU B 212 9.44 0.21 7.84
C LEU B 212 9.13 0.14 6.33
N SER B 213 9.09 -1.07 5.73
CA SER B 213 8.84 -1.22 4.30
C SER B 213 7.47 -0.72 3.91
N ALA B 214 7.40 -0.05 2.74
CA ALA B 214 6.19 0.60 2.20
C ALA B 214 5.54 1.50 3.26
N PRO B 215 6.19 2.63 3.68
CA PRO B 215 5.59 3.49 4.73
C PRO B 215 4.13 3.83 4.48
N PHE B 216 3.35 3.89 5.55
CA PHE B 216 1.90 4.05 5.48
C PHE B 216 1.41 5.48 5.62
N ILE B 217 0.46 5.88 4.75
CA ILE B 217 -0.16 7.22 4.76
C ILE B 217 -1.68 7.11 5.09
N GLU B 219 -5.00 5.97 7.14
CA GLU B 219 -5.27 5.68 8.54
C GLU B 219 -5.50 4.16 8.79
N PHE B 220 -6.03 3.37 7.82
CA PHE B 220 -6.22 1.93 8.05
C PHE B 220 -4.88 1.23 8.32
N PHE B 221 -3.88 1.55 7.50
CA PHE B 221 -2.54 0.95 7.62
C PHE B 221 -1.67 1.62 8.70
N ARG B 222 -1.84 2.94 8.93
CA ARG B 222 -1.06 3.66 9.96
C ARG B 222 -1.43 3.12 11.34
N ASP B 223 -2.73 2.98 11.64
CA ASP B 223 -3.20 2.46 12.93
C ASP B 223 -2.82 1.00 13.13
N ALA B 224 -2.73 0.21 12.05
CA ALA B 224 -2.29 -1.18 12.14
C ALA B 224 -0.81 -1.24 12.55
N GLN B 225 0.02 -0.35 11.98
CA GLN B 225 1.43 -0.26 12.33
C GLN B 225 1.60 0.27 13.75
N GLU B 226 0.78 1.25 14.17
CA GLU B 226 0.82 1.81 15.53
C GLU B 226 0.62 0.73 16.59
N LYS B 227 -0.23 -0.27 16.31
CA LYS B 227 -0.51 -1.37 17.24
C LYS B 227 0.66 -2.36 17.37
N VAL B 228 1.48 -2.55 16.32
CA VAL B 228 2.61 -3.50 16.38
C VAL B 228 3.94 -2.87 16.83
N LEU B 229 4.11 -1.54 16.69
CA LEU B 229 5.38 -0.90 17.09
C LEU B 229 5.81 -1.19 18.54
N PRO B 230 4.91 -1.15 19.58
CA PRO B 230 5.38 -1.45 20.95
C PRO B 230 5.99 -2.83 21.13
N TYR B 231 5.61 -3.80 20.29
CA TYR B 231 6.09 -5.17 20.36
C TYR B 231 7.38 -5.41 19.56
N ALA B 232 7.91 -4.39 18.85
CA ALA B 232 9.12 -4.52 18.04
C ALA B 232 10.40 -4.25 18.83
N ASP B 233 11.24 -5.28 19.04
CA ASP B 233 12.53 -5.14 19.71
C ASP B 233 13.56 -4.48 18.78
N TYR B 234 13.44 -4.69 17.45
CA TYR B 234 14.32 -4.13 16.45
C TYR B 234 13.47 -3.60 15.31
N ILE B 235 13.79 -2.39 14.83
CA ILE B 235 13.08 -1.79 13.69
C ILE B 235 14.14 -1.39 12.67
N PHE B 236 14.16 -2.08 11.52
CA PHE B 236 15.08 -1.80 10.43
C PHE B 236 14.42 -0.84 9.43
N GLY B 237 15.24 -0.12 8.70
CA GLY B 237 14.75 0.82 7.69
C GLY B 237 15.87 1.51 6.94
N ASN B 238 15.52 2.24 5.89
CA ASN B 238 16.48 3.03 5.11
C ASN B 238 16.15 4.51 5.28
N GLU B 239 17.09 5.40 4.92
CA GLU B 239 16.89 6.85 5.10
C GLU B 239 15.56 7.38 4.52
N THR B 240 15.10 6.87 3.37
CA THR B 240 13.85 7.32 2.77
C THR B 240 12.65 6.87 3.60
N GLU B 241 12.63 5.61 4.03
CA GLU B 241 11.55 5.07 4.86
C GLU B 241 11.47 5.79 6.19
N ALA B 242 12.63 6.02 6.83
CA ALA B 242 12.72 6.70 8.12
C ALA B 242 12.27 8.16 8.03
N LYS B 243 12.67 8.88 6.96
CA LYS B 243 12.27 10.28 6.79
C LYS B 243 10.76 10.42 6.57
N ILE B 244 10.15 9.47 5.85
CA ILE B 244 8.70 9.47 5.62
C ILE B 244 7.96 9.08 6.91
N PHE B 245 8.47 8.07 7.64
CA PHE B 245 7.90 7.65 8.93
C PHE B 245 7.85 8.83 9.91
N ALA B 246 8.91 9.66 9.92
CA ALA B 246 9.00 10.84 10.77
C ALA B 246 7.97 11.92 10.36
N LYS B 247 7.83 12.19 9.05
CA LYS B 247 6.89 13.19 8.54
C LYS B 247 5.43 12.78 8.79
N VAL B 248 5.12 11.48 8.72
CA VAL B 248 3.76 10.99 8.95
C VAL B 248 3.30 11.34 10.38
N ARG B 249 4.11 10.99 11.39
CA ARG B 249 3.73 11.22 12.79
C ARG B 249 4.12 12.61 13.36
N GLY B 250 4.28 13.61 12.49
CA GLY B 250 4.55 14.97 12.93
C GLY B 250 5.93 15.31 13.42
N TRP B 251 6.89 14.37 13.39
CA TRP B 251 8.26 14.67 13.81
C TRP B 251 8.88 15.61 12.78
N GLU B 252 9.14 16.86 13.15
CA GLU B 252 9.67 17.86 12.22
C GLU B 252 11.14 17.64 11.85
N THR B 253 11.93 16.93 12.67
CA THR B 253 13.34 16.70 12.36
C THR B 253 13.53 15.86 11.09
N GLU B 254 14.63 16.14 10.35
CA GLU B 254 15.02 15.43 9.14
C GLU B 254 16.36 14.67 9.31
N ASN B 255 17.13 14.96 10.39
CA ASN B 255 18.40 14.30 10.68
C ASN B 255 18.12 12.82 10.94
N ILE B 256 18.71 11.91 10.14
CA ILE B 256 18.50 10.47 10.27
C ILE B 256 18.95 9.95 11.66
N GLU B 257 20.02 10.51 12.24
CA GLU B 257 20.46 10.10 13.59
C GLU B 257 19.41 10.44 14.65
N GLU B 258 18.74 11.60 14.53
CA GLU B 258 17.69 11.99 15.47
C GLU B 258 16.44 11.13 15.25
N ILE B 259 16.11 10.82 13.99
CA ILE B 259 14.94 10.00 13.65
C ILE B 259 15.13 8.60 14.23
N ALA B 260 16.32 8.01 14.06
CA ALA B 260 16.62 6.67 14.59
C ALA B 260 16.44 6.62 16.10
N LEU B 261 16.90 7.66 16.82
CA LEU B 261 16.73 7.73 18.27
C LEU B 261 15.25 7.80 18.62
N LYS B 262 14.48 8.64 17.91
CA LYS B 262 13.04 8.77 18.15
C LYS B 262 12.28 7.47 17.88
N ILE B 263 12.77 6.61 16.94
CA ILE B 263 12.16 5.32 16.65
C ILE B 263 12.44 4.36 17.82
N SER B 264 13.70 4.29 18.27
CA SER B 264 14.07 3.43 19.40
C SER B 264 13.33 3.81 20.69
N GLN B 265 12.90 5.07 20.84
CA GLN B 265 12.19 5.54 22.04
C GLN B 265 10.67 5.64 21.86
N LEU B 266 10.10 4.87 20.92
CA LEU B 266 8.64 4.82 20.74
C LEU B 266 8.02 4.01 21.92
N PRO B 267 6.72 4.13 22.28
CA PRO B 267 6.21 3.36 23.44
C PRO B 267 6.50 1.86 23.37
N LEU B 268 6.92 1.26 24.50
CA LEU B 268 7.28 -0.16 24.59
C LEU B 268 6.16 -0.96 25.25
N ALA B 269 5.94 -2.21 24.82
CA ALA B 269 4.93 -3.08 25.39
C ALA B 269 5.40 -3.64 26.75
N SER B 270 4.47 -4.22 27.56
CA SER B 270 4.82 -4.78 28.87
C SER B 270 5.91 -5.88 28.73
N GLY B 271 6.93 -5.82 29.56
CA GLY B 271 8.03 -6.79 29.50
C GLY B 271 8.97 -6.61 28.31
N LYS B 272 9.04 -5.38 27.75
CA LYS B 272 9.96 -5.04 26.67
C LYS B 272 10.79 -3.93 27.26
N GLN B 273 12.05 -4.21 27.59
CA GLN B 273 12.91 -3.22 28.24
C GLN B 273 13.51 -2.21 27.27
N LYS B 274 13.84 -2.61 26.01
CA LYS B 274 14.51 -1.70 25.09
C LYS B 274 14.24 -2.02 23.61
N ARG B 275 14.51 -1.04 22.73
CA ARG B 275 14.37 -1.17 21.28
C ARG B 275 15.63 -0.65 20.60
N ILE B 276 16.03 -1.30 19.50
CA ILE B 276 17.18 -0.93 18.70
C ILE B 276 16.69 -0.59 17.30
N ALA B 277 16.96 0.63 16.82
CA ALA B 277 16.55 1.07 15.48
C ALA B 277 17.78 1.11 14.58
N VAL B 278 17.75 0.38 13.45
CA VAL B 278 18.87 0.33 12.50
C VAL B 278 18.41 0.98 11.19
N ILE B 279 18.98 2.15 10.85
CA ILE B 279 18.65 2.89 9.64
C ILE B 279 19.86 2.94 8.71
N THR B 280 19.76 2.24 7.57
CA THR B 280 20.84 2.24 6.58
C THR B 280 20.74 3.49 5.69
N GLN B 281 21.86 3.94 5.14
CA GLN B 281 21.91 5.11 4.26
C GLN B 281 22.67 4.78 2.96
N GLY B 282 22.53 3.56 2.45
CA GLY B 282 23.21 3.14 1.24
C GLY B 282 24.73 3.20 1.37
N ALA B 283 25.36 4.14 0.68
CA ALA B 283 26.81 4.33 0.75
C ALA B 283 27.20 4.96 2.08
N ASP B 284 26.40 5.93 2.57
CA ASP B 284 26.62 6.61 3.85
C ASP B 284 26.55 5.60 5.05
N PRO B 285 27.09 5.94 6.26
CA PRO B 285 27.08 4.94 7.36
C PRO B 285 25.74 4.41 7.84
N VAL B 286 25.77 3.23 8.48
CA VAL B 286 24.58 2.64 9.06
C VAL B 286 24.41 3.30 10.43
N VAL B 287 23.20 3.77 10.72
CA VAL B 287 22.86 4.44 11.97
C VAL B 287 22.14 3.48 12.91
N VAL B 288 22.63 3.31 14.16
CA VAL B 288 22.00 2.42 15.13
C VAL B 288 21.73 3.19 16.44
N ALA B 289 20.47 3.15 16.92
CA ALA B 289 20.07 3.78 18.18
C ALA B 289 19.86 2.71 19.24
N GLU B 290 20.47 2.87 20.42
CA GLU B 290 20.38 1.91 21.52
C GLU B 290 20.69 2.61 22.84
N ASP B 291 19.86 2.37 23.87
CA ASP B 291 20.02 2.94 25.22
C ASP B 291 20.20 4.47 25.22
N GLY B 292 19.34 5.16 24.47
CA GLY B 292 19.38 6.62 24.37
C GLY B 292 20.58 7.21 23.66
N LYS B 293 21.38 6.38 22.94
CA LYS B 293 22.57 6.84 22.23
C LYS B 293 22.57 6.33 20.78
N VAL B 294 23.10 7.14 19.85
CA VAL B 294 23.18 6.81 18.42
C VAL B 294 24.64 6.62 18.02
N LYS B 295 24.95 5.50 17.34
CA LYS B 295 26.30 5.18 16.89
C LYS B 295 26.34 5.06 15.37
N THR B 296 27.39 5.57 14.73
CA THR B 296 27.56 5.54 13.28
C THR B 296 28.58 4.48 12.87
N PHE B 297 28.25 3.76 11.79
CA PHE B 297 29.05 2.65 11.31
C PHE B 297 29.42 2.79 9.83
N PRO B 298 30.62 3.34 9.49
CA PRO B 298 30.98 3.43 8.06
C PRO B 298 30.94 2.11 7.31
N VAL B 299 30.46 2.15 6.06
CA VAL B 299 30.34 0.96 5.21
C VAL B 299 31.75 0.54 4.75
N ILE B 300 32.13 -0.73 4.99
CA ILE B 300 33.43 -1.26 4.60
C ILE B 300 33.20 -2.15 3.38
N LEU B 301 33.89 -1.87 2.26
CA LEU B 301 33.74 -2.62 1.01
C LEU B 301 34.65 -3.85 0.95
N LEU B 302 34.28 -4.81 0.08
CA LEU B 302 35.08 -6.03 -0.13
C LEU B 302 36.21 -5.79 -1.15
N PRO B 303 37.27 -6.65 -1.22
CA PRO B 303 38.35 -6.38 -2.19
C PRO B 303 37.86 -6.22 -3.63
N LYS B 304 38.14 -5.04 -4.25
CA LYS B 304 37.76 -4.69 -5.62
C LYS B 304 36.29 -5.01 -5.91
N GLU B 305 35.38 -4.25 -5.29
CA GLU B 305 33.94 -4.44 -5.43
C GLU B 305 33.43 -3.99 -6.80
N ASN B 311 20.23 -3.85 -6.36
CA ASN B 311 19.03 -3.98 -5.53
C ASN B 311 19.12 -5.19 -4.57
N GLY B 312 18.18 -5.29 -3.63
CA GLY B 312 18.17 -6.38 -2.65
C GLY B 312 19.25 -6.24 -1.58
N ALA B 313 19.93 -5.08 -1.54
CA ALA B 313 20.99 -4.82 -0.56
C ALA B 313 20.41 -4.70 0.84
N GLY B 314 19.25 -4.06 0.96
CA GLY B 314 18.58 -3.92 2.24
C GLY B 314 18.15 -5.26 2.81
N ASP B 315 17.62 -6.14 1.95
CA ASP B 315 17.20 -7.48 2.37
C ASP B 315 18.40 -8.30 2.84
N ALA B 316 19.52 -8.21 2.09
CA ALA B 316 20.75 -8.91 2.45
C ALA B 316 21.41 -8.33 3.70
N PHE B 317 21.28 -7.01 3.94
CA PHE B 317 21.81 -6.39 5.16
C PHE B 317 21.08 -6.95 6.37
N VAL B 318 19.74 -7.01 6.31
CA VAL B 318 18.93 -7.53 7.41
C VAL B 318 19.29 -9.01 7.65
N GLY B 319 19.49 -9.78 6.59
CA GLY B 319 19.89 -11.18 6.68
C GLY B 319 21.21 -11.39 7.40
N GLY B 320 22.22 -10.62 7.04
CA GLY B 320 23.52 -10.68 7.69
C GLY B 320 23.45 -10.24 9.14
N PHE B 321 22.67 -9.18 9.42
CA PHE B 321 22.47 -8.67 10.78
C PHE B 321 21.78 -9.75 11.64
N LEU B 322 20.74 -10.41 11.10
CA LEU B 322 20.01 -11.47 11.79
C LEU B 322 20.88 -12.67 12.14
N SER B 323 21.84 -13.02 11.27
CA SER B 323 22.71 -14.17 11.52
C SER B 323 23.57 -13.98 12.78
N GLN B 324 24.20 -12.82 12.93
CA GLN B 324 25.03 -12.54 14.10
C GLN B 324 24.17 -12.31 15.35
N LEU B 325 22.96 -11.77 15.18
CA LEU B 325 22.02 -11.58 16.29
C LEU B 325 21.62 -12.95 16.86
N VAL B 326 21.44 -13.96 15.97
CA VAL B 326 21.11 -15.34 16.35
C VAL B 326 22.28 -15.92 17.19
N LEU B 327 23.53 -15.67 16.77
CA LEU B 327 24.71 -16.16 17.49
C LEU B 327 25.04 -15.41 18.79
N GLY B 328 24.22 -14.43 19.18
CA GLY B 328 24.41 -13.67 20.41
C GLY B 328 25.62 -12.76 20.37
N LYS B 329 25.85 -12.10 19.22
CA LYS B 329 27.00 -11.21 19.01
C LYS B 329 26.62 -9.75 19.28
N GLY B 330 27.63 -8.90 19.45
CA GLY B 330 27.43 -7.47 19.67
C GLY B 330 26.91 -6.77 18.43
N ILE B 331 26.46 -5.52 18.60
CA ILE B 331 25.89 -4.74 17.50
C ILE B 331 26.91 -4.54 16.35
N GLU B 332 28.18 -4.19 16.67
CA GLU B 332 29.19 -3.97 15.62
C GLU B 332 29.34 -5.19 14.70
N ASP B 333 29.29 -6.41 15.25
CA ASP B 333 29.37 -7.63 14.46
C ASP B 333 28.16 -7.75 13.53
N CYS B 334 26.95 -7.42 14.03
CA CYS B 334 25.71 -7.45 13.26
C CYS B 334 25.71 -6.46 12.10
N VAL B 335 26.31 -5.26 12.29
CA VAL B 335 26.36 -4.25 11.23
C VAL B 335 27.40 -4.69 10.19
N ARG B 336 28.56 -5.20 10.63
CA ARG B 336 29.61 -5.66 9.72
C ARG B 336 29.13 -6.83 8.86
N ALA B 337 28.42 -7.79 9.47
CA ALA B 337 27.88 -8.93 8.73
C ALA B 337 26.80 -8.50 7.75
N GLY B 338 25.96 -7.54 8.15
CA GLY B 338 24.94 -6.97 7.28
C GLY B 338 25.54 -6.30 6.06
N CYS B 339 26.60 -5.50 6.28
CA CYS B 339 27.28 -4.83 5.19
C CYS B 339 28.01 -5.83 4.30
N TYR B 340 28.61 -6.88 4.88
CA TYR B 340 29.29 -7.94 4.12
C TYR B 340 28.28 -8.61 3.16
N ALA B 341 27.13 -9.06 3.69
CA ALA B 341 26.13 -9.74 2.89
C ALA B 341 25.53 -8.83 1.82
N ALA B 342 25.34 -7.54 2.12
CA ALA B 342 24.84 -6.59 1.13
C ALA B 342 25.87 -6.38 0.02
N ASN B 343 27.15 -6.28 0.37
CA ASN B 343 28.22 -6.09 -0.62
C ASN B 343 28.39 -7.33 -1.54
N VAL B 344 28.05 -8.54 -1.05
CA VAL B 344 28.15 -9.76 -1.87
C VAL B 344 26.98 -9.79 -2.87
N ILE B 345 25.74 -9.62 -2.38
CA ILE B 345 24.52 -9.66 -3.20
C ILE B 345 24.54 -8.62 -4.34
N ILE B 346 25.01 -7.39 -4.09
CA ILE B 346 25.04 -6.34 -5.13
C ILE B 346 26.05 -6.66 -6.26
N GLN B 347 27.08 -7.48 -6.01
CA GLN B 347 28.00 -7.86 -7.09
C GLN B 347 27.62 -9.23 -7.69
N ARG B 348 26.29 -9.56 -7.70
CA ARG B 348 25.76 -10.81 -8.25
C ARG B 348 24.39 -10.56 -8.94
N PRO B 349 23.97 -11.30 -10.01
CA PRO B 349 22.65 -11.03 -10.60
C PRO B 349 21.51 -11.51 -9.69
N GLY B 350 20.87 -10.55 -9.02
CA GLY B 350 19.78 -10.83 -8.10
C GLY B 350 20.27 -10.97 -6.67
N CYS B 351 19.48 -11.63 -5.82
CA CYS B 351 19.82 -11.84 -4.41
C CYS B 351 20.42 -13.25 -4.23
N THR B 352 21.47 -13.55 -5.01
CA THR B 352 22.18 -14.82 -4.99
C THR B 352 23.50 -14.71 -4.19
N TYR B 353 24.19 -15.84 -3.92
CA TYR B 353 25.43 -15.83 -3.13
C TYR B 353 26.30 -17.09 -3.37
N PRO B 354 27.62 -17.11 -3.03
CA PRO B 354 28.41 -18.35 -3.22
C PRO B 354 28.02 -19.47 -2.22
N GLU B 355 28.62 -20.66 -2.37
CA GLU B 355 28.31 -21.81 -1.50
C GLU B 355 28.49 -21.50 0.00
N LYS B 356 29.67 -21.00 0.40
CA LYS B 356 29.98 -20.72 1.80
C LYS B 356 30.39 -19.24 2.00
N PRO B 357 30.11 -18.62 3.17
CA PRO B 357 30.55 -17.23 3.37
C PRO B 357 32.01 -17.11 3.81
N ASP B 358 32.57 -15.90 3.72
CA ASP B 358 33.95 -15.60 4.11
C ASP B 358 33.92 -14.39 5.06
N PHE B 359 33.22 -14.55 6.19
CA PHE B 359 33.08 -13.52 7.21
C PHE B 359 33.27 -14.16 8.59
N ASN B 360 34.31 -13.74 9.34
CA ASN B 360 34.59 -14.25 10.69
C ASN B 360 35.24 -13.10 11.51
#